data_7LRE
#
_entry.id   7LRE
#
_cell.length_a   1.00
_cell.length_b   1.00
_cell.length_c   1.00
_cell.angle_alpha   90.00
_cell.angle_beta   90.00
_cell.angle_gamma   90.00
#
_symmetry.space_group_name_H-M   'P 1'
#
loop_
_entity.id
_entity.type
_entity.pdbx_description
1 polymer 'Schlafen family member 12'
2 non-polymer 'ZINC ION'
#
_entity_poly.entity_id   1
_entity_poly.type   'polypeptide(L)'
_entity_poly.pdbx_seq_one_letter_code
;GGGGSMNISVDLETNYAELVLDVGRVTLGENSRKKMKDCKLRKKQNESVSRAMCALLNSGGGVIKAEIENEDYSYTKDGI
GLDLENSFSNILLFVPEYLDFMQNGNYFLIFVKSWSLNTSGLRITTLSSNLYKRDITSAKVMNATAALEFLKDMKKTRGR
LYLRPELLAKRPCVDIQEENNMKALAGVFFDRTELDRKEKLTFTESTHVEIKNFSTEKLLQRIKEILPQYVSAFANTDGG
YLFIGLNEDKEIIGFKAEMSDLDDLEREIEKSIRKMPVHHFCMEKKKINYSCKFLGVYDKGSLCGYVCALRVERFCCAVF
AKEPDSWHVKDNRVMQLTRKEWIQFMVEAEPKFSSSYEEVISQINTSLPAPHSWPLLEWQRQRHHCPGLSGRITYTPENL
CRKLFLQHEGLKQLICEEMDSVRKGSLIFSRSWSVDLGLQENHKVLCDALLISQDSPPVLYTFHMVQDEEFKGYSTQTAL
TLKQKLAKIGGYTKKVCVMTKIFYLSPEGMTSCQYDLRSQVIYPESYYFTRRKYLLKALFKALKRLKSLRDQFSFAENLY
QIIGIDCFQKNDKKMFKSCRRLT
;
_entity_poly.pdbx_strand_id   A,B
#
# COMPACT_ATOMS: atom_id res chain seq x y z
N ASN A 7 -14.94 25.33 -1.58
CA ASN A 7 -14.43 26.54 -2.22
C ASN A 7 -13.67 26.21 -3.50
N ILE A 8 -14.06 25.11 -4.14
CA ILE A 8 -13.48 24.67 -5.40
C ILE A 8 -14.57 24.74 -6.46
N SER A 9 -14.30 25.46 -7.55
CA SER A 9 -15.27 25.67 -8.61
C SER A 9 -14.66 25.27 -9.95
N VAL A 10 -15.52 24.78 -10.83
CA VAL A 10 -15.10 24.41 -12.19
C VAL A 10 -15.02 25.67 -13.03
N ASP A 11 -13.88 25.88 -13.67
CA ASP A 11 -13.67 27.06 -14.50
C ASP A 11 -14.29 26.83 -15.87
N LEU A 12 -15.34 27.60 -16.18
CA LEU A 12 -16.02 27.48 -17.46
C LEU A 12 -15.51 28.47 -18.51
N GLU A 13 -14.64 29.40 -18.11
CA GLU A 13 -14.10 30.39 -19.04
C GLU A 13 -12.76 29.98 -19.63
N THR A 14 -12.26 28.80 -19.28
CA THR A 14 -10.96 28.36 -19.79
C THR A 14 -11.07 27.90 -21.24
N ASN A 15 -9.96 27.98 -21.96
CA ASN A 15 -9.88 27.49 -23.33
C ASN A 15 -9.53 26.01 -23.41
N TYR A 16 -9.06 25.40 -22.31
CA TYR A 16 -8.70 24.00 -22.33
C TYR A 16 -9.93 23.13 -22.53
N ALA A 17 -9.74 22.01 -23.25
CA ALA A 17 -10.80 21.04 -23.45
C ALA A 17 -10.74 19.94 -22.39
N GLU A 18 -10.90 20.37 -21.14
CA GLU A 18 -10.82 19.48 -19.99
C GLU A 18 -11.36 20.21 -18.78
N LEU A 19 -11.57 19.46 -17.70
CA LEU A 19 -12.07 20.04 -16.46
C LEU A 19 -10.96 20.85 -15.80
N VAL A 20 -11.20 22.15 -15.63
CA VAL A 20 -10.27 23.03 -14.94
C VAL A 20 -10.89 23.44 -13.63
N LEU A 21 -10.23 23.10 -12.53
CA LEU A 21 -10.72 23.39 -11.19
C LEU A 21 -9.92 24.55 -10.61
N ASP A 22 -10.62 25.61 -10.22
CA ASP A 22 -9.99 26.78 -9.62
C ASP A 22 -10.05 26.64 -8.10
N VAL A 23 -8.90 26.63 -7.45
CA VAL A 23 -8.80 26.45 -6.01
C VAL A 23 -8.48 27.74 -5.29
N GLY A 24 -8.52 28.87 -5.99
CA GLY A 24 -8.26 30.14 -5.36
C GLY A 24 -6.77 30.42 -5.19
N ARG A 25 -6.49 31.45 -4.38
CA ARG A 25 -5.12 31.86 -4.14
C ARG A 25 -4.38 30.80 -3.32
N VAL A 26 -3.22 30.38 -3.80
CA VAL A 26 -2.40 29.38 -3.14
C VAL A 26 -0.98 29.89 -3.07
N THR A 27 -0.39 29.87 -1.88
CA THR A 27 1.00 30.23 -1.70
C THR A 27 1.89 29.07 -2.15
N LEU A 28 2.92 29.37 -2.94
CA LEU A 28 3.80 28.37 -3.50
C LEU A 28 5.25 28.70 -3.19
N GLY A 29 6.08 27.68 -3.19
CA GLY A 29 7.49 27.82 -2.88
C GLY A 29 7.79 27.20 -1.52
N GLU A 30 8.93 26.51 -1.44
CA GLU A 30 9.29 25.85 -0.19
C GLU A 30 9.49 26.86 0.94
N ASN A 31 10.32 27.88 0.69
CA ASN A 31 10.56 28.90 1.71
C ASN A 31 9.30 29.70 1.99
N SER A 32 8.53 30.02 0.96
CA SER A 32 7.32 30.81 1.16
C SER A 32 6.29 30.05 1.98
N ARG A 33 6.11 28.76 1.71
CA ARG A 33 5.12 27.98 2.45
C ARG A 33 5.58 27.63 3.85
N LYS A 34 6.88 27.38 4.05
CA LYS A 34 7.36 27.05 5.38
C LYS A 34 7.35 28.26 6.31
N LYS A 35 7.29 29.47 5.76
CA LYS A 35 7.28 30.69 6.55
C LYS A 35 5.90 31.33 6.66
N MET A 36 4.85 30.61 6.26
CA MET A 36 3.50 31.15 6.37
C MET A 36 3.10 31.29 7.83
N LYS A 37 2.72 32.50 8.24
CA LYS A 37 2.36 32.74 9.62
C LYS A 37 1.08 32.00 10.00
N ASP A 38 0.09 32.00 9.12
CA ASP A 38 -1.20 31.38 9.39
C ASP A 38 -1.14 29.92 8.95
N CYS A 39 -1.00 29.02 9.93
CA CYS A 39 -0.99 27.59 9.62
C CYS A 39 -2.36 27.10 9.16
N LYS A 40 -3.43 27.71 9.67
CA LYS A 40 -4.77 27.32 9.23
C LYS A 40 -4.95 27.58 7.74
N LEU A 41 -4.49 28.74 7.25
CA LEU A 41 -4.61 29.05 5.83
C LEU A 41 -3.79 28.06 4.99
N ARG A 42 -2.58 27.74 5.45
CA ARG A 42 -1.75 26.79 4.71
C ARG A 42 -2.41 25.42 4.64
N LYS A 43 -2.97 24.94 5.76
CA LYS A 43 -3.65 23.66 5.76
C LYS A 43 -4.89 23.69 4.87
N LYS A 44 -5.61 24.82 4.87
CA LYS A 44 -6.79 24.95 4.01
C LYS A 44 -6.41 24.91 2.54
N GLN A 45 -5.33 25.60 2.16
CA GLN A 45 -4.86 25.55 0.77
C GLN A 45 -4.43 24.15 0.39
N ASN A 46 -3.70 23.47 1.27
CA ASN A 46 -3.30 22.09 1.01
C ASN A 46 -4.51 21.18 0.83
N GLU A 47 -5.51 21.35 1.69
CA GLU A 47 -6.73 20.55 1.58
C GLU A 47 -7.46 20.82 0.27
N SER A 48 -7.55 22.08 -0.13
CA SER A 48 -8.22 22.41 -1.39
C SER A 48 -7.50 21.80 -2.58
N VAL A 49 -6.16 21.91 -2.60
CA VAL A 49 -5.39 21.34 -3.70
C VAL A 49 -5.56 19.82 -3.73
N SER A 50 -5.51 19.18 -2.56
CA SER A 50 -5.65 17.73 -2.50
C SER A 50 -7.04 17.29 -2.96
N ARG A 51 -8.08 18.02 -2.55
CA ARG A 51 -9.44 17.68 -2.99
C ARG A 51 -9.59 17.84 -4.49
N ALA A 52 -9.04 18.92 -5.05
CA ALA A 52 -9.10 19.10 -6.50
C ALA A 52 -8.37 17.99 -7.23
N MET A 53 -7.19 17.61 -6.72
CA MET A 53 -6.43 16.53 -7.36
C MET A 53 -7.18 15.21 -7.30
N CYS A 54 -7.78 14.90 -6.15
CA CYS A 54 -8.56 13.67 -6.03
C CYS A 54 -9.77 13.69 -6.95
N ALA A 55 -10.45 14.83 -7.05
CA ALA A 55 -11.60 14.93 -7.94
C ALA A 55 -11.20 14.74 -9.39
N LEU A 56 -10.08 15.34 -9.81
CA LEU A 56 -9.62 15.18 -11.18
C LEU A 56 -9.18 13.74 -11.45
N LEU A 57 -8.53 13.10 -10.47
CA LEU A 57 -8.14 11.70 -10.63
C LEU A 57 -9.36 10.81 -10.79
N ASN A 58 -10.43 11.09 -10.06
CA ASN A 58 -11.64 10.28 -10.13
C ASN A 58 -12.58 10.69 -11.25
N SER A 59 -12.31 11.79 -11.96
CA SER A 59 -13.23 12.29 -12.98
C SER A 59 -12.61 12.33 -14.37
N GLY A 60 -11.54 11.59 -14.60
CA GLY A 60 -10.94 11.51 -15.93
C GLY A 60 -9.80 12.47 -16.19
N GLY A 61 -9.24 13.10 -15.17
CA GLY A 61 -8.12 13.99 -15.34
C GLY A 61 -8.55 15.41 -15.66
N GLY A 62 -7.57 16.32 -15.61
CA GLY A 62 -7.87 17.71 -15.88
C GLY A 62 -6.72 18.62 -15.47
N VAL A 63 -7.07 19.85 -15.15
CA VAL A 63 -6.11 20.87 -14.73
C VAL A 63 -6.57 21.49 -13.43
N ILE A 64 -5.64 21.68 -12.51
CA ILE A 64 -5.86 22.48 -11.31
C ILE A 64 -5.21 23.83 -11.55
N LYS A 65 -6.00 24.90 -11.54
CA LYS A 65 -5.49 26.24 -11.72
C LYS A 65 -5.54 26.96 -10.38
N ALA A 66 -4.38 27.43 -9.93
CA ALA A 66 -4.26 28.12 -8.65
C ALA A 66 -3.63 29.48 -8.86
N GLU A 67 -4.29 30.52 -8.35
CA GLU A 67 -3.71 31.84 -8.40
C GLU A 67 -2.53 31.93 -7.44
N ILE A 68 -1.39 32.40 -7.94
CA ILE A 68 -0.19 32.47 -7.12
C ILE A 68 -0.33 33.64 -6.15
N GLU A 69 -0.57 33.32 -4.86
CA GLU A 69 -0.82 34.36 -3.88
C GLU A 69 0.42 35.19 -3.61
N ASN A 70 1.57 34.54 -3.38
CA ASN A 70 2.79 35.26 -3.08
C ASN A 70 3.34 35.93 -4.34
N GLU A 71 3.90 37.11 -4.18
CA GLU A 71 4.45 37.89 -5.28
C GLU A 71 5.90 37.49 -5.53
N ASP A 72 6.36 37.78 -6.75
CA ASP A 72 7.73 37.49 -7.18
C ASP A 72 8.07 36.01 -7.00
N TYR A 73 7.14 35.14 -7.38
CA TYR A 73 7.32 33.70 -7.27
C TYR A 73 7.78 33.15 -8.61
N SER A 74 8.92 32.46 -8.61
CA SER A 74 9.43 31.75 -9.77
C SER A 74 9.43 30.26 -9.47
N TYR A 75 8.78 29.48 -10.33
CA TYR A 75 8.71 28.04 -10.10
C TYR A 75 10.10 27.40 -10.15
N THR A 76 10.93 27.84 -11.09
CA THR A 76 12.26 27.26 -11.23
C THR A 76 13.12 27.56 -10.01
N LYS A 77 13.01 28.76 -9.44
CA LYS A 77 13.85 29.15 -8.32
C LYS A 77 13.29 28.73 -6.97
N ASP A 78 11.97 28.66 -6.83
CA ASP A 78 11.35 28.41 -5.52
C ASP A 78 10.85 26.98 -5.34
N GLY A 79 10.19 26.42 -6.34
CA GLY A 79 9.66 25.08 -6.22
C GLY A 79 8.17 25.04 -5.97
N ILE A 80 7.70 24.06 -5.20
CA ILE A 80 6.28 23.89 -4.94
C ILE A 80 5.99 24.05 -3.46
N GLY A 81 6.58 23.17 -2.64
CA GLY A 81 6.32 23.17 -1.21
C GLY A 81 6.31 21.76 -0.64
N LEU A 82 6.91 21.58 0.52
CA LEU A 82 7.09 20.24 1.07
C LEU A 82 5.75 19.58 1.40
N ASP A 83 4.82 20.34 2.00
CA ASP A 83 3.54 19.76 2.39
C ASP A 83 2.72 19.33 1.17
N LEU A 84 2.71 20.15 0.12
CA LEU A 84 1.98 19.80 -1.09
C LEU A 84 2.57 18.55 -1.74
N GLU A 85 3.90 18.46 -1.79
CA GLU A 85 4.55 17.29 -2.36
C GLU A 85 4.27 16.04 -1.53
N ASN A 86 4.26 16.17 -0.20
CA ASN A 86 3.92 15.04 0.65
C ASN A 86 2.48 14.58 0.41
N SER A 87 1.56 15.53 0.26
CA SER A 87 0.17 15.17 -0.04
C SER A 87 0.06 14.45 -1.38
N PHE A 88 0.77 14.96 -2.39
CA PHE A 88 0.74 14.31 -3.71
C PHE A 88 1.31 12.90 -3.62
N SER A 89 2.39 12.72 -2.87
CA SER A 89 2.98 11.39 -2.70
C SER A 89 2.04 10.45 -1.98
N ASN A 90 1.31 10.97 -0.98
CA ASN A 90 0.32 10.15 -0.30
C ASN A 90 -0.78 9.71 -1.25
N ILE A 91 -1.24 10.62 -2.10
CA ILE A 91 -2.31 10.28 -3.04
C ILE A 91 -1.82 9.31 -4.11
N LEU A 92 -0.65 9.58 -4.68
CA LEU A 92 -0.16 8.87 -5.85
C LEU A 92 1.16 8.17 -5.55
N LEU A 93 1.26 6.90 -5.95
CA LEU A 93 2.51 6.17 -5.77
C LEU A 93 3.63 6.77 -6.60
N PHE A 94 3.35 7.11 -7.86
CA PHE A 94 4.35 7.67 -8.78
C PHE A 94 3.86 9.04 -9.24
N VAL A 95 4.39 10.09 -8.61
CA VAL A 95 3.97 11.44 -8.96
C VAL A 95 4.28 11.80 -10.42
N PRO A 96 5.49 11.56 -10.95
CA PRO A 96 5.75 11.96 -12.34
C PRO A 96 4.86 11.27 -13.36
N GLU A 97 4.27 10.11 -13.03
CA GLU A 97 3.41 9.43 -13.97
C GLU A 97 2.06 10.13 -14.13
N TYR A 98 1.64 10.91 -13.14
CA TYR A 98 0.31 11.51 -13.14
C TYR A 98 0.31 13.04 -13.15
N LEU A 99 1.31 13.69 -12.59
CA LEU A 99 1.27 15.12 -12.36
C LEU A 99 2.29 15.85 -13.22
N ASP A 100 1.87 16.99 -13.78
CA ASP A 100 2.75 17.92 -14.47
C ASP A 100 2.50 19.31 -13.91
N PHE A 101 3.57 20.09 -13.75
CA PHE A 101 3.48 21.42 -13.16
C PHE A 101 3.93 22.46 -14.18
N MET A 102 3.21 23.59 -14.22
CA MET A 102 3.53 24.66 -15.16
C MET A 102 3.12 25.99 -14.57
N GLN A 103 4.07 26.92 -14.46
CA GLN A 103 3.75 28.28 -14.03
C GLN A 103 3.46 29.10 -15.27
N ASN A 104 2.19 29.38 -15.51
CA ASN A 104 1.75 30.17 -16.67
C ASN A 104 1.35 31.54 -16.15
N GLY A 105 2.21 32.52 -16.36
CA GLY A 105 1.92 33.88 -15.94
C GLY A 105 1.74 33.95 -14.43
N ASN A 106 0.58 34.44 -14.01
CA ASN A 106 0.25 34.58 -12.60
C ASN A 106 -0.45 33.34 -12.04
N TYR A 107 -0.61 32.29 -12.84
CA TYR A 107 -1.32 31.09 -12.41
C TYR A 107 -0.38 29.89 -12.41
N PHE A 108 -0.73 28.91 -11.59
CA PHE A 108 -0.01 27.65 -11.50
C PHE A 108 -0.96 26.54 -11.94
N LEU A 109 -0.55 25.77 -12.93
CA LEU A 109 -1.36 24.71 -13.51
C LEU A 109 -0.76 23.36 -13.14
N ILE A 110 -1.59 22.50 -12.57
CA ILE A 110 -1.24 21.12 -12.27
C ILE A 110 -2.07 20.24 -13.20
N PHE A 111 -1.43 19.69 -14.22
CA PHE A 111 -2.09 18.76 -15.13
C PHE A 111 -2.10 17.39 -14.48
N VAL A 112 -3.30 16.84 -14.28
CA VAL A 112 -3.50 15.59 -13.57
C VAL A 112 -4.07 14.57 -14.54
N LYS A 113 -3.38 13.45 -14.68
CA LYS A 113 -3.87 12.33 -15.48
C LYS A 113 -4.93 11.58 -14.69
N SER A 114 -5.83 10.92 -15.44
CA SER A 114 -6.88 10.13 -14.79
C SER A 114 -6.27 8.93 -14.07
N TRP A 115 -6.90 8.55 -12.97
CA TRP A 115 -6.47 7.35 -12.26
C TRP A 115 -6.80 6.11 -13.08
N SER A 116 -5.83 5.23 -13.23
CA SER A 116 -5.98 4.02 -14.01
C SER A 116 -5.88 2.80 -13.11
N LEU A 117 -6.71 1.79 -13.38
CA LEU A 117 -6.66 0.55 -12.62
C LEU A 117 -5.30 -0.12 -12.82
N ASN A 118 -4.71 -0.59 -11.72
CA ASN A 118 -3.37 -1.15 -11.75
C ASN A 118 -3.36 -2.42 -10.91
N THR A 119 -2.15 -2.91 -10.62
CA THR A 119 -2.02 -4.16 -9.87
C THR A 119 -2.55 -4.03 -8.45
N SER A 120 -2.59 -2.81 -7.92
CA SER A 120 -3.08 -2.62 -6.56
C SER A 120 -4.57 -2.93 -6.45
N GLY A 121 -5.31 -2.84 -7.55
CA GLY A 121 -6.73 -3.11 -7.56
C GLY A 121 -7.61 -1.93 -7.22
N LEU A 122 -7.04 -0.78 -6.91
CA LEU A 122 -7.84 0.39 -6.57
C LEU A 122 -8.53 0.95 -7.81
N ARG A 123 -9.82 1.24 -7.69
CA ARG A 123 -10.58 1.85 -8.77
C ARG A 123 -10.67 3.37 -8.66
N ILE A 124 -10.60 3.90 -7.45
CA ILE A 124 -10.64 5.34 -7.22
C ILE A 124 -9.54 5.71 -6.23
N THR A 125 -9.34 7.02 -6.07
CA THR A 125 -8.37 7.56 -5.13
C THR A 125 -9.11 8.19 -3.96
N THR A 126 -8.57 8.01 -2.76
CA THR A 126 -9.19 8.51 -1.54
C THR A 126 -8.15 9.29 -0.74
N LEU A 127 -8.52 10.50 -0.31
CA LEU A 127 -7.65 11.26 0.58
C LEU A 127 -7.48 10.55 1.92
N SER A 128 -8.58 10.02 2.46
CA SER A 128 -8.55 9.28 3.71
C SER A 128 -9.82 8.45 3.79
N SER A 129 -9.67 7.13 3.92
CA SER A 129 -10.83 6.25 3.98
C SER A 129 -11.61 6.42 5.28
N ASN A 130 -11.01 7.04 6.29
CA ASN A 130 -11.62 7.26 7.60
C ASN A 130 -12.01 5.95 8.28
N LEU A 131 -11.44 4.84 7.85
CA LEU A 131 -11.56 3.57 8.53
C LEU A 131 -10.32 3.36 9.39
N TYR A 132 -10.54 3.14 10.69
CA TYR A 132 -9.44 2.96 11.61
C TYR A 132 -9.34 1.52 12.08
N LYS A 133 -8.12 1.10 12.40
CA LYS A 133 -7.83 -0.24 12.91
C LYS A 133 -6.89 -0.12 14.10
N ARG A 134 -6.65 -1.22 14.81
CA ARG A 134 -5.78 -1.20 15.97
C ARG A 134 -4.41 -1.84 15.72
N ASP A 135 -3.37 -1.01 15.69
CA ASP A 135 -2.03 -1.52 15.46
C ASP A 135 -1.38 -1.76 16.81
N ILE A 136 -1.89 -2.76 17.49
CA ILE A 136 -1.51 -3.20 18.83
C ILE A 136 -1.84 -2.13 19.88
N THR A 137 -1.22 -0.96 19.81
CA THR A 137 -1.59 0.10 20.76
C THR A 137 -2.14 1.33 20.08
N SER A 138 -1.95 1.49 18.78
CA SER A 138 -2.39 2.73 18.17
C SER A 138 -3.57 2.60 17.22
N ALA A 139 -4.37 3.65 17.12
CA ALA A 139 -5.45 3.66 16.14
C ALA A 139 -4.95 4.36 14.89
N LYS A 140 -4.89 3.63 13.79
CA LYS A 140 -4.42 4.17 12.53
C LYS A 140 -5.47 4.06 11.43
N VAL A 141 -5.52 5.08 10.58
CA VAL A 141 -6.47 5.08 9.47
C VAL A 141 -5.97 4.16 8.38
N MET A 142 -6.81 3.19 8.01
CA MET A 142 -6.44 2.23 6.98
C MET A 142 -6.09 2.97 5.69
N ASN A 143 -4.96 2.62 5.10
CA ASN A 143 -4.62 3.14 3.78
C ASN A 143 -5.54 2.52 2.74
N ALA A 144 -5.32 2.89 1.48
CA ALA A 144 -6.18 2.43 0.40
C ALA A 144 -6.14 0.92 0.27
N THR A 145 -4.95 0.32 0.34
CA THR A 145 -4.84 -1.13 0.20
C THR A 145 -5.44 -1.84 1.40
N ALA A 146 -5.17 -1.37 2.61
CA ALA A 146 -5.72 -1.99 3.81
C ALA A 146 -7.24 -1.87 3.83
N ALA A 147 -7.77 -0.69 3.48
CA ALA A 147 -9.21 -0.52 3.43
C ALA A 147 -9.84 -1.42 2.36
N LEU A 148 -9.19 -1.52 1.21
CA LEU A 148 -9.69 -2.40 0.15
C LEU A 148 -9.76 -3.85 0.64
N GLU A 149 -8.69 -4.33 1.27
CA GLU A 149 -8.68 -5.70 1.75
C GLU A 149 -9.74 -5.92 2.82
N PHE A 150 -9.87 -4.98 3.76
CA PHE A 150 -10.86 -5.11 4.83
C PHE A 150 -12.27 -5.16 4.27
N LEU A 151 -12.59 -4.24 3.37
CA LEU A 151 -13.95 -4.18 2.81
C LEU A 151 -14.25 -5.42 1.98
N LYS A 152 -13.30 -5.88 1.16
CA LYS A 152 -13.54 -7.07 0.35
C LYS A 152 -13.70 -8.30 1.21
N ASP A 153 -12.89 -8.43 2.26
CA ASP A 153 -13.02 -9.56 3.16
C ASP A 153 -14.38 -9.56 3.86
N MET A 154 -14.84 -8.40 4.31
CA MET A 154 -16.16 -8.33 4.94
C MET A 154 -17.27 -8.64 3.95
N LYS A 155 -17.16 -8.14 2.72
CA LYS A 155 -18.21 -8.37 1.69
C LYS A 155 -18.27 -9.86 1.37
N LYS A 156 -17.12 -10.53 1.26
CA LYS A 156 -17.11 -11.93 0.87
C LYS A 156 -17.82 -12.81 1.89
N THR A 157 -17.68 -12.50 3.17
CA THR A 157 -18.25 -13.30 4.24
C THR A 157 -19.54 -12.71 4.80
N ARG A 158 -20.13 -11.72 4.12
CA ARG A 158 -21.35 -11.05 4.58
C ARG A 158 -21.18 -10.48 5.99
N GLY A 159 -20.01 -9.90 6.24
CA GLY A 159 -19.69 -9.41 7.56
C GLY A 159 -18.59 -10.22 8.23
N ARG A 160 -18.61 -10.28 9.55
CA ARG A 160 -17.61 -11.03 10.30
C ARG A 160 -18.06 -11.26 11.73
N LEU A 167 -16.58 -21.56 22.40
CA LEU A 167 -16.30 -21.29 23.80
C LEU A 167 -14.79 -21.33 24.08
N LEU A 168 -14.43 -21.78 25.28
CA LEU A 168 -13.04 -21.89 25.66
C LEU A 168 -12.48 -23.26 25.27
N ALA A 169 -11.16 -23.30 25.08
CA ALA A 169 -10.47 -24.52 24.71
C ALA A 169 -9.55 -24.97 25.83
N LYS A 170 -9.54 -26.27 26.10
CA LYS A 170 -8.69 -26.80 27.16
C LYS A 170 -7.22 -26.68 26.77
N ARG A 171 -6.41 -26.15 27.67
CA ARG A 171 -4.99 -25.95 27.46
C ARG A 171 -4.23 -26.43 28.69
N PRO A 172 -2.96 -26.81 28.52
CA PRO A 172 -2.15 -27.20 29.68
C PRO A 172 -2.03 -26.06 30.68
N CYS A 173 -2.00 -26.44 31.97
CA CYS A 173 -1.93 -25.47 33.05
C CYS A 173 -0.52 -24.90 33.11
N VAL A 174 -0.29 -23.88 32.29
CA VAL A 174 0.99 -23.19 32.21
C VAL A 174 0.76 -21.72 32.50
N ASP A 175 1.59 -21.14 33.36
CA ASP A 175 1.47 -19.74 33.73
C ASP A 175 1.98 -18.89 32.57
N ILE A 176 1.04 -18.36 31.78
CA ILE A 176 1.37 -17.55 30.61
C ILE A 176 0.60 -16.24 30.70
N GLN A 177 1.08 -15.26 29.93
CA GLN A 177 0.44 -13.95 29.86
C GLN A 177 0.15 -13.63 28.40
N GLU A 178 -1.08 -13.20 28.13
CA GLU A 178 -1.52 -12.87 26.77
C GLU A 178 -2.29 -11.56 26.82
N GLU A 179 -2.76 -11.13 25.64
CA GLU A 179 -3.62 -9.95 25.58
C GLU A 179 -4.96 -10.21 26.26
N ASN A 180 -5.41 -11.47 26.29
CA ASN A 180 -6.65 -11.79 26.98
C ASN A 180 -6.58 -11.45 28.46
N ASN A 181 -5.41 -11.57 29.07
CA ASN A 181 -5.26 -11.17 30.46
C ASN A 181 -5.51 -9.67 30.64
N MET A 182 -4.94 -8.85 29.75
CA MET A 182 -5.19 -7.41 29.82
C MET A 182 -6.65 -7.09 29.58
N LYS A 183 -7.28 -7.77 28.62
CA LYS A 183 -8.69 -7.54 28.36
C LYS A 183 -9.56 -7.90 29.56
N ALA A 184 -9.26 -9.02 30.21
CA ALA A 184 -10.02 -9.42 31.40
C ALA A 184 -9.80 -8.44 32.55
N LEU A 185 -8.57 -7.98 32.75
CA LEU A 185 -8.31 -7.01 33.79
C LEU A 185 -9.03 -5.71 33.53
N ALA A 186 -9.04 -5.26 32.27
CA ALA A 186 -9.76 -4.05 31.91
C ALA A 186 -11.26 -4.22 32.12
N GLY A 187 -11.79 -5.40 31.81
CA GLY A 187 -13.20 -5.66 32.05
C GLY A 187 -13.55 -5.64 33.52
N VAL A 188 -12.70 -6.22 34.36
CA VAL A 188 -12.91 -6.16 35.80
C VAL A 188 -12.85 -4.72 36.30
N PHE A 189 -11.87 -3.95 35.79
CA PHE A 189 -11.76 -2.54 36.14
C PHE A 189 -13.00 -1.76 35.70
N PHE A 190 -13.63 -2.18 34.61
CA PHE A 190 -14.81 -1.49 34.11
C PHE A 190 -15.99 -1.63 35.06
N ASP A 191 -16.13 -2.78 35.70
CA ASP A 191 -17.27 -3.07 36.55
C ASP A 191 -17.11 -2.55 37.98
N ARG A 192 -15.97 -1.95 38.31
CA ARG A 192 -15.77 -1.44 39.66
C ARG A 192 -16.71 -0.27 39.92
N THR A 193 -17.39 -0.32 41.07
CA THR A 193 -18.32 0.77 41.42
C THR A 193 -17.57 2.05 41.74
N GLU A 194 -16.46 1.96 42.46
CA GLU A 194 -15.70 3.13 42.86
C GLU A 194 -14.21 2.84 42.72
N LEU A 195 -13.43 3.89 42.59
CA LEU A 195 -11.99 3.79 42.41
C LEU A 195 -11.27 4.60 43.49
N ASP A 196 -10.03 4.20 43.77
CA ASP A 196 -9.18 4.88 44.74
C ASP A 196 -8.11 5.67 43.99
N ARG A 197 -7.89 6.90 44.42
CA ARG A 197 -6.92 7.76 43.75
C ARG A 197 -5.50 7.28 44.00
N LYS A 198 -4.64 7.52 43.02
CA LYS A 198 -3.21 7.20 43.11
C LYS A 198 -2.97 5.71 43.35
N GLU A 199 -3.71 4.87 42.64
CA GLU A 199 -3.45 3.44 42.62
C GLU A 199 -3.05 3.03 41.21
N LYS A 200 -2.14 2.06 41.12
CA LYS A 200 -1.60 1.63 39.84
C LYS A 200 -2.45 0.53 39.22
N LEU A 201 -2.61 0.59 37.91
CA LEU A 201 -3.34 -0.44 37.19
C LEU A 201 -2.51 -1.71 37.08
N THR A 202 -3.21 -2.83 36.93
CA THR A 202 -2.57 -4.11 36.70
C THR A 202 -2.46 -4.47 35.22
N PHE A 203 -2.86 -3.56 34.34
CA PHE A 203 -2.81 -3.79 32.90
C PHE A 203 -2.33 -2.54 32.20
N THR A 204 -2.05 -2.67 30.90
CA THR A 204 -1.59 -1.55 30.10
C THR A 204 -2.33 -1.58 28.77
N GLU A 205 -1.94 -0.72 27.84
CA GLU A 205 -2.60 -0.65 26.55
C GLU A 205 -2.30 -1.90 25.73
N SER A 206 -3.29 -2.30 24.94
CA SER A 206 -3.16 -3.45 24.05
C SER A 206 -4.15 -3.28 22.92
N THR A 207 -4.39 -4.36 22.16
CA THR A 207 -5.35 -4.31 21.07
C THR A 207 -6.75 -4.00 21.55
N HIS A 208 -7.06 -4.29 22.82
CA HIS A 208 -8.38 -4.07 23.38
C HIS A 208 -8.40 -3.03 24.48
N VAL A 209 -7.28 -2.35 24.75
CA VAL A 209 -7.21 -1.37 25.82
C VAL A 209 -6.55 -0.10 25.28
N GLU A 210 -7.21 1.04 25.49
CA GLU A 210 -6.64 2.35 25.20
C GLU A 210 -6.83 3.23 26.42
N ILE A 211 -5.78 3.96 26.80
CA ILE A 211 -5.78 4.80 27.99
C ILE A 211 -5.33 6.18 27.59
N LYS A 212 -6.15 7.19 27.88
CA LYS A 212 -5.85 8.57 27.54
C LYS A 212 -6.12 9.47 28.74
N ASN A 213 -5.39 10.58 28.80
CA ASN A 213 -5.55 11.59 29.84
C ASN A 213 -5.89 12.92 29.21
N PHE A 214 -7.00 13.51 29.64
CA PHE A 214 -7.47 14.77 29.07
C PHE A 214 -7.81 15.76 30.18
N SER A 215 -7.59 17.04 29.90
CA SER A 215 -7.96 18.09 30.84
C SER A 215 -9.46 18.31 30.83
N THR A 216 -9.96 18.87 31.93
CA THR A 216 -11.40 19.08 32.08
C THR A 216 -11.94 20.04 31.02
N GLU A 217 -11.21 21.14 30.75
CA GLU A 217 -11.69 22.13 29.81
C GLU A 217 -11.70 21.59 28.38
N LYS A 218 -10.70 20.80 28.03
CA LYS A 218 -10.58 20.26 26.67
C LYS A 218 -11.26 18.92 26.49
N LEU A 219 -11.84 18.36 27.54
CA LEU A 219 -12.47 17.04 27.44
C LEU A 219 -13.66 17.06 26.49
N LEU A 220 -14.56 18.04 26.66
CA LEU A 220 -15.74 18.13 25.81
C LEU A 220 -15.33 18.37 24.36
N GLN A 221 -14.32 19.22 24.14
CA GLN A 221 -13.88 19.51 22.78
C GLN A 221 -13.26 18.28 22.12
N ARG A 222 -12.45 17.52 22.87
CA ARG A 222 -11.77 16.37 22.29
C ARG A 222 -12.66 15.15 22.16
N ILE A 223 -13.77 15.08 22.90
CA ILE A 223 -14.69 13.96 22.74
C ILE A 223 -15.28 13.96 21.34
N LYS A 224 -15.65 15.13 20.83
CA LYS A 224 -16.20 15.21 19.48
C LYS A 224 -15.17 14.91 18.41
N GLU A 225 -13.88 14.94 18.75
CA GLU A 225 -12.81 14.85 17.76
C GLU A 225 -12.12 13.49 17.75
N ILE A 226 -11.59 13.05 18.89
CA ILE A 226 -10.76 11.85 18.91
C ILE A 226 -11.54 10.59 19.28
N LEU A 227 -12.66 10.72 20.00
CA LEU A 227 -13.46 9.55 20.33
C LEU A 227 -13.95 8.78 19.10
N PRO A 228 -14.45 9.43 18.03
CA PRO A 228 -14.89 8.64 16.87
C PRO A 228 -13.83 7.74 16.28
N GLN A 229 -12.57 8.18 16.20
CA GLN A 229 -11.55 7.35 15.58
C GLN A 229 -11.20 6.15 16.44
N TYR A 230 -11.13 6.31 17.76
CA TYR A 230 -10.87 5.16 18.64
C TYR A 230 -12.06 4.21 18.66
N VAL A 231 -13.29 4.73 18.64
CA VAL A 231 -14.46 3.87 18.57
C VAL A 231 -14.46 3.08 17.27
N SER A 232 -14.13 3.74 16.16
CA SER A 232 -14.07 3.04 14.87
C SER A 232 -12.99 1.97 14.90
N ALA A 233 -11.82 2.28 15.45
CA ALA A 233 -10.74 1.30 15.52
C ALA A 233 -11.14 0.09 16.35
N PHE A 234 -11.77 0.31 17.51
CA PHE A 234 -12.20 -0.81 18.34
C PHE A 234 -13.27 -1.63 17.64
N ALA A 235 -14.28 -0.97 17.08
CA ALA A 235 -15.36 -1.69 16.41
C ALA A 235 -14.86 -2.42 15.17
N ASN A 236 -13.75 -1.96 14.59
CA ASN A 236 -13.22 -2.62 13.40
C ASN A 236 -12.28 -3.77 13.73
N THR A 237 -11.53 -3.69 14.84
CA THR A 237 -10.58 -4.76 15.08
C THR A 237 -11.13 -5.85 16.00
N ASP A 238 -11.32 -5.55 17.29
CA ASP A 238 -11.88 -6.57 18.17
C ASP A 238 -12.75 -6.00 19.30
N GLY A 239 -13.20 -4.76 19.22
CA GLY A 239 -13.76 -4.11 20.39
C GLY A 239 -12.68 -3.82 21.41
N GLY A 240 -13.07 -3.16 22.48
CA GLY A 240 -12.11 -2.87 23.54
C GLY A 240 -12.66 -1.90 24.56
N TYR A 241 -11.76 -1.38 25.37
CA TYR A 241 -12.08 -0.46 26.45
C TYR A 241 -11.22 0.80 26.32
N LEU A 242 -11.86 1.96 26.42
CA LEU A 242 -11.19 3.25 26.42
C LEU A 242 -11.36 3.87 27.80
N PHE A 243 -10.25 4.23 28.43
CA PHE A 243 -10.26 4.79 29.77
C PHE A 243 -9.70 6.21 29.73
N ILE A 244 -10.51 7.18 30.15
CA ILE A 244 -10.13 8.59 30.19
C ILE A 244 -10.09 9.01 31.65
N GLY A 245 -8.94 9.52 32.08
CA GLY A 245 -8.75 9.95 33.45
C GLY A 245 -7.55 9.30 34.12
N LEU A 246 -6.66 8.73 33.33
CA LEU A 246 -5.47 8.05 33.83
C LEU A 246 -4.24 8.67 33.19
N ASN A 247 -3.24 8.96 34.00
CA ASN A 247 -2.04 9.65 33.53
C ASN A 247 -1.12 8.67 32.79
N GLU A 248 0.09 9.12 32.47
CA GLU A 248 1.03 8.29 31.71
C GLU A 248 1.47 7.08 32.50
N ASP A 249 1.68 7.23 33.80
CA ASP A 249 2.15 6.15 34.65
C ASP A 249 1.04 5.24 35.13
N LYS A 250 -0.12 5.25 34.46
CA LYS A 250 -1.26 4.38 34.76
C LYS A 250 -1.82 4.63 36.15
N GLU A 251 -1.60 5.81 36.71
CA GLU A 251 -2.16 6.18 38.01
C GLU A 251 -3.53 6.83 37.81
N ILE A 252 -4.48 6.45 38.64
CA ILE A 252 -5.85 6.94 38.51
C ILE A 252 -5.89 8.39 39.00
N ILE A 253 -6.19 9.32 38.10
CA ILE A 253 -6.28 10.74 38.41
C ILE A 253 -7.72 11.23 38.25
N GLY A 254 -8.29 11.03 37.07
CA GLY A 254 -9.66 11.46 36.81
C GLY A 254 -9.75 12.94 36.52
N PHE A 255 -10.97 13.38 36.23
CA PHE A 255 -11.25 14.79 35.97
C PHE A 255 -12.41 15.23 36.87
N LYS A 256 -12.30 16.44 37.41
CA LYS A 256 -13.33 16.97 38.28
C LYS A 256 -14.52 17.44 37.45
N ALA A 257 -15.72 17.00 37.83
CA ALA A 257 -16.92 17.38 37.12
C ALA A 257 -18.12 17.19 38.06
N GLU A 258 -19.22 17.84 37.70
CA GLU A 258 -20.47 17.72 38.43
C GLU A 258 -21.38 16.71 37.75
N MET A 259 -22.51 16.43 38.41
CA MET A 259 -23.48 15.49 37.83
C MET A 259 -24.04 16.03 36.52
N SER A 260 -24.32 17.33 36.46
CA SER A 260 -24.77 17.93 35.21
C SER A 260 -23.70 17.83 34.14
N ASP A 261 -22.43 18.03 34.52
CA ASP A 261 -21.33 17.86 33.57
C ASP A 261 -21.25 16.42 33.09
N LEU A 262 -21.46 15.46 33.99
CA LEU A 262 -21.46 14.05 33.57
C LEU A 262 -22.58 13.76 32.59
N ASP A 263 -23.78 14.30 32.85
CA ASP A 263 -24.89 14.09 31.93
C ASP A 263 -24.61 14.71 30.57
N ASP A 264 -24.06 15.92 30.56
CA ASP A 264 -23.73 16.58 29.30
C ASP A 264 -22.67 15.80 28.53
N LEU A 265 -21.64 15.31 29.24
CA LEU A 265 -20.60 14.51 28.59
C LEU A 265 -21.16 13.22 28.02
N GLU A 266 -22.05 12.56 28.77
CA GLU A 266 -22.67 11.34 28.27
C GLU A 266 -23.50 11.61 27.03
N ARG A 267 -24.26 12.71 27.03
CA ARG A 267 -25.04 13.07 25.86
C ARG A 267 -24.14 13.36 24.66
N GLU A 268 -23.03 14.08 24.89
CA GLU A 268 -22.10 14.36 23.80
C GLU A 268 -21.49 13.08 23.24
N ILE A 269 -21.12 12.15 24.12
CA ILE A 269 -20.57 10.87 23.67
C ILE A 269 -21.60 10.12 22.84
N GLU A 270 -22.85 10.08 23.30
CA GLU A 270 -23.89 9.38 22.56
C GLU A 270 -24.10 10.02 21.19
N LYS A 271 -24.15 11.34 21.12
CA LYS A 271 -24.33 12.02 19.85
C LYS A 271 -23.16 11.77 18.91
N SER A 272 -21.93 11.81 19.44
CA SER A 272 -20.76 11.57 18.61
C SER A 272 -20.75 10.15 18.05
N ILE A 273 -21.13 9.18 18.88
CA ILE A 273 -21.13 7.79 18.42
C ILE A 273 -22.23 7.56 17.40
N ARG A 274 -23.42 8.13 17.64
CA ARG A 274 -24.52 7.95 16.69
C ARG A 274 -24.29 8.72 15.39
N LYS A 275 -23.45 9.74 15.40
CA LYS A 275 -23.12 10.48 14.18
C LYS A 275 -22.19 9.70 13.26
N MET A 276 -21.48 8.70 13.79
CA MET A 276 -20.48 7.99 13.00
C MET A 276 -21.14 7.19 11.89
N PRO A 277 -20.69 7.34 10.64
CA PRO A 277 -21.26 6.53 9.55
C PRO A 277 -20.98 5.05 9.75
N VAL A 278 -21.93 4.23 9.35
CA VAL A 278 -21.83 2.77 9.45
C VAL A 278 -22.36 2.16 8.16
N HIS A 279 -21.60 1.24 7.58
CA HIS A 279 -22.04 0.50 6.41
C HIS A 279 -22.12 -0.98 6.78
N HIS A 280 -23.23 -1.62 6.40
CA HIS A 280 -23.49 -3.01 6.74
C HIS A 280 -23.47 -3.87 5.50
N PHE A 281 -22.69 -4.96 5.56
CA PHE A 281 -22.69 -5.98 4.51
C PHE A 281 -23.54 -7.19 4.87
N CYS A 282 -24.20 -7.17 6.02
CA CYS A 282 -24.99 -8.29 6.49
C CYS A 282 -26.47 -8.02 6.31
N MET A 283 -27.28 -9.07 6.53
CA MET A 283 -28.72 -8.95 6.38
C MET A 283 -29.36 -8.22 7.56
N GLU A 284 -28.84 -8.40 8.77
CA GLU A 284 -29.41 -7.82 9.97
C GLU A 284 -28.63 -6.56 10.35
N LYS A 285 -29.22 -5.40 10.07
CA LYS A 285 -28.57 -4.14 10.42
C LYS A 285 -28.49 -3.99 11.94
N LYS A 286 -27.35 -3.53 12.42
CA LYS A 286 -27.10 -3.39 13.85
C LYS A 286 -26.50 -2.02 14.14
N LYS A 287 -26.72 -1.55 15.37
CA LYS A 287 -26.12 -0.32 15.84
C LYS A 287 -24.78 -0.61 16.49
N ILE A 288 -24.03 0.46 16.78
CA ILE A 288 -22.76 0.32 17.48
C ILE A 288 -23.07 0.03 18.94
N ASN A 289 -22.69 -1.16 19.41
CA ASN A 289 -22.95 -1.56 20.79
C ASN A 289 -21.84 -1.00 21.67
N TYR A 290 -22.18 0.02 22.45
CA TYR A 290 -21.22 0.65 23.36
C TYR A 290 -21.86 0.85 24.72
N SER A 291 -21.01 0.90 25.74
CA SER A 291 -21.44 1.14 27.11
C SER A 291 -20.53 2.19 27.73
N CYS A 292 -21.10 3.28 28.20
CA CYS A 292 -20.35 4.37 28.82
C CYS A 292 -20.63 4.37 30.33
N LYS A 293 -19.57 4.43 31.12
CA LYS A 293 -19.69 4.39 32.57
C LYS A 293 -18.77 5.44 33.17
N PHE A 294 -19.19 6.00 34.30
CA PHE A 294 -18.40 6.98 35.04
C PHE A 294 -18.10 6.41 36.42
N LEU A 295 -16.82 6.29 36.75
CA LEU A 295 -16.38 5.72 38.02
C LEU A 295 -15.84 6.83 38.90
N GLY A 296 -16.42 6.97 40.08
CA GLY A 296 -15.92 7.97 41.01
C GLY A 296 -14.55 7.61 41.56
N VAL A 297 -13.76 8.65 41.83
CA VAL A 297 -12.43 8.49 42.38
C VAL A 297 -12.42 9.11 43.77
N TYR A 298 -12.09 8.30 44.78
CA TYR A 298 -12.13 8.73 46.17
C TYR A 298 -10.72 8.84 46.72
N ASP A 299 -10.40 10.00 47.28
CA ASP A 299 -9.09 10.25 47.89
C ASP A 299 -9.32 10.71 49.32
N LYS A 300 -8.81 9.92 50.28
CA LYS A 300 -8.94 10.22 51.70
C LYS A 300 -10.41 10.39 52.10
N GLY A 301 -11.27 9.53 51.56
CA GLY A 301 -12.68 9.56 51.89
C GLY A 301 -13.49 10.67 51.23
N SER A 302 -12.93 11.33 50.22
CA SER A 302 -13.63 12.39 49.51
C SER A 302 -13.52 12.17 48.01
N LEU A 303 -14.55 12.57 47.29
CA LEU A 303 -14.63 12.35 45.85
C LEU A 303 -13.75 13.36 45.12
N CYS A 304 -12.71 12.87 44.46
CA CYS A 304 -11.81 13.74 43.71
C CYS A 304 -12.37 14.06 42.32
N GLY A 305 -12.58 13.04 41.52
CA GLY A 305 -13.09 13.24 40.18
C GLY A 305 -13.77 11.99 39.66
N TYR A 306 -13.85 11.90 38.33
CA TYR A 306 -14.47 10.77 37.67
C TYR A 306 -13.57 10.25 36.56
N VAL A 307 -13.67 8.96 36.30
CA VAL A 307 -12.98 8.29 35.20
C VAL A 307 -14.02 7.77 34.24
N CYS A 308 -13.85 8.08 32.95
CA CYS A 308 -14.79 7.66 31.93
C CYS A 308 -14.30 6.36 31.30
N ALA A 309 -15.12 5.31 31.38
CA ALA A 309 -14.80 4.02 30.81
C ALA A 309 -15.82 3.71 29.72
N LEU A 310 -15.33 3.50 28.50
CA LEU A 310 -16.19 3.23 27.35
C LEU A 310 -15.83 1.86 26.79
N ARG A 311 -16.79 0.95 26.83
CA ARG A 311 -16.62 -0.39 26.29
C ARG A 311 -17.30 -0.46 24.93
N VAL A 312 -16.53 -0.73 23.89
CA VAL A 312 -17.03 -0.82 22.52
C VAL A 312 -16.99 -2.28 22.11
N GLU A 313 -18.15 -2.84 21.79
CA GLU A 313 -18.21 -4.22 21.35
C GLU A 313 -17.72 -4.35 19.91
N ARG A 314 -17.28 -5.56 19.57
CA ARG A 314 -16.88 -5.85 18.20
C ARG A 314 -18.06 -5.68 17.26
N PHE A 315 -17.83 -4.99 16.14
CA PHE A 315 -18.89 -4.69 15.19
C PHE A 315 -18.87 -5.68 14.04
N CYS A 316 -20.04 -5.91 13.46
CA CYS A 316 -20.18 -6.91 12.40
C CYS A 316 -19.62 -6.42 11.06
N CYS A 317 -19.61 -5.11 10.82
CA CYS A 317 -19.25 -4.57 9.52
C CYS A 317 -18.40 -3.32 9.72
N ALA A 318 -18.25 -2.54 8.65
CA ALA A 318 -17.39 -1.37 8.66
C ALA A 318 -17.97 -0.27 9.54
N VAL A 319 -17.10 0.37 10.31
CA VAL A 319 -17.47 1.55 11.10
C VAL A 319 -16.55 2.69 10.67
N PHE A 320 -17.14 3.82 10.30
CA PHE A 320 -16.41 4.99 9.84
C PHE A 320 -16.37 6.04 10.94
N ALA A 321 -15.19 6.66 11.11
CA ALA A 321 -15.11 7.82 11.99
C ALA A 321 -15.77 9.03 11.35
N LYS A 322 -15.57 9.19 10.03
CA LYS A 322 -16.24 10.21 9.25
C LYS A 322 -16.57 9.60 7.90
N GLU A 323 -17.28 10.35 7.07
CA GLU A 323 -17.54 9.91 5.71
C GLU A 323 -16.21 9.78 4.97
N PRO A 324 -16.05 8.78 4.11
CA PRO A 324 -14.78 8.61 3.38
C PRO A 324 -14.47 9.84 2.54
N ASP A 325 -13.20 10.26 2.58
CA ASP A 325 -12.78 11.51 1.95
C ASP A 325 -12.35 11.26 0.51
N SER A 326 -13.34 10.96 -0.33
CA SER A 326 -13.14 10.77 -1.75
C SER A 326 -14.03 11.74 -2.52
N TRP A 327 -13.48 12.33 -3.58
CA TRP A 327 -14.16 13.39 -4.30
C TRP A 327 -14.18 13.09 -5.80
N HIS A 328 -15.12 13.71 -6.48
CA HIS A 328 -15.20 13.64 -7.94
C HIS A 328 -15.91 14.89 -8.44
N VAL A 329 -16.08 14.98 -9.75
CA VAL A 329 -16.73 16.12 -10.39
C VAL A 329 -17.97 15.61 -11.11
N LYS A 330 -19.14 16.11 -10.70
CA LYS A 330 -20.40 15.76 -11.33
C LYS A 330 -21.21 17.02 -11.55
N ASP A 331 -21.79 17.15 -12.74
CA ASP A 331 -22.61 18.31 -13.10
C ASP A 331 -21.85 19.62 -12.89
N ASN A 332 -20.57 19.61 -13.23
CA ASN A 332 -19.69 20.77 -13.09
C ASN A 332 -19.61 21.23 -11.64
N ARG A 333 -19.72 20.30 -10.70
CA ARG A 333 -19.59 20.59 -9.28
C ARG A 333 -18.69 19.55 -8.63
N VAL A 334 -17.79 20.01 -7.77
CA VAL A 334 -16.90 19.13 -7.04
C VAL A 334 -17.66 18.57 -5.84
N MET A 335 -18.00 17.29 -5.89
CA MET A 335 -18.81 16.65 -4.87
C MET A 335 -18.03 15.51 -4.22
N GLN A 336 -18.14 15.42 -2.90
CA GLN A 336 -17.58 14.28 -2.17
C GLN A 336 -18.43 13.04 -2.43
N LEU A 337 -17.76 11.93 -2.70
CA LEU A 337 -18.46 10.68 -2.95
C LEU A 337 -19.23 10.26 -1.70
N THR A 338 -20.47 9.86 -1.89
CA THR A 338 -21.26 9.34 -0.77
C THR A 338 -20.71 8.00 -0.32
N ARG A 339 -21.08 7.61 0.90
CA ARG A 339 -20.55 6.37 1.47
C ARG A 339 -20.92 5.17 0.62
N LYS A 340 -22.16 5.13 0.12
CA LYS A 340 -22.58 4.01 -0.72
C LYS A 340 -21.76 3.94 -2.01
N GLU A 341 -21.55 5.09 -2.66
CA GLU A 341 -20.78 5.11 -3.90
C GLU A 341 -19.33 4.70 -3.64
N TRP A 342 -18.73 5.20 -2.56
CA TRP A 342 -17.36 4.84 -2.23
C TRP A 342 -17.24 3.34 -1.96
N ILE A 343 -18.19 2.78 -1.21
CA ILE A 343 -18.17 1.35 -0.93
C ILE A 343 -18.32 0.56 -2.22
N GLN A 344 -19.21 0.99 -3.11
CA GLN A 344 -19.39 0.30 -4.38
C GLN A 344 -18.11 0.33 -5.20
N PHE A 345 -17.43 1.47 -5.24
CA PHE A 345 -16.16 1.55 -5.96
C PHE A 345 -15.11 0.63 -5.34
N MET A 346 -15.06 0.57 -4.02
CA MET A 346 -14.02 -0.21 -3.36
C MET A 346 -14.25 -1.71 -3.53
N VAL A 347 -15.48 -2.18 -3.29
CA VAL A 347 -15.72 -3.62 -3.17
C VAL A 347 -16.13 -4.28 -4.48
N GLU A 348 -16.65 -3.54 -5.44
CA GLU A 348 -17.13 -4.11 -6.69
C GLU A 348 -16.06 -3.97 -7.77
N ALA A 349 -15.76 -5.07 -8.45
CA ALA A 349 -14.77 -5.07 -9.51
C ALA A 349 -15.35 -4.48 -10.79
N GLU A 350 -14.46 -4.20 -11.74
CA GLU A 350 -14.84 -3.64 -13.03
C GLU A 350 -15.70 -4.61 -13.82
N ARG A 392 -0.13 5.62 -45.04
CA ARG A 392 -1.06 6.65 -45.46
C ARG A 392 -2.04 7.03 -44.35
N ILE A 393 -3.21 7.51 -44.74
CA ILE A 393 -4.25 7.93 -43.81
C ILE A 393 -5.49 7.08 -44.03
N THR A 394 -6.01 6.52 -42.95
CA THR A 394 -7.19 5.66 -43.01
C THR A 394 -8.45 6.52 -42.85
N TYR A 395 -9.36 6.42 -43.80
CA TYR A 395 -10.61 7.18 -43.79
C TYR A 395 -11.76 6.19 -43.56
N THR A 396 -12.33 6.21 -42.36
CA THR A 396 -13.42 5.34 -41.99
C THR A 396 -14.52 6.13 -41.30
N PRO A 397 -15.79 5.74 -41.47
CA PRO A 397 -16.26 4.66 -42.35
C PRO A 397 -16.25 5.04 -43.82
N GLU A 398 -16.10 4.05 -44.70
CA GLU A 398 -15.96 4.33 -46.12
C GLU A 398 -17.22 4.98 -46.69
N ASN A 399 -18.39 4.47 -46.32
CA ASN A 399 -19.63 4.98 -46.90
C ASN A 399 -19.86 6.44 -46.49
N LEU A 400 -19.69 6.75 -45.20
CA LEU A 400 -19.90 8.12 -44.74
C LEU A 400 -18.87 9.07 -45.34
N CYS A 401 -17.61 8.64 -45.45
CA CYS A 401 -16.59 9.48 -46.07
C CYS A 401 -16.94 9.77 -47.52
N ARG A 402 -17.36 8.75 -48.27
CA ARG A 402 -17.73 8.96 -49.67
C ARG A 402 -18.92 9.90 -49.78
N LYS A 403 -19.94 9.72 -48.92
CA LYS A 403 -21.11 10.59 -48.97
C LYS A 403 -20.73 12.04 -48.67
N LEU A 404 -19.90 12.25 -47.64
CA LEU A 404 -19.50 13.60 -47.29
C LEU A 404 -18.67 14.24 -48.40
N PHE A 405 -17.77 13.47 -49.02
CA PHE A 405 -16.94 14.03 -50.08
C PHE A 405 -17.75 14.32 -51.34
N LEU A 406 -18.76 13.50 -51.64
CA LEU A 406 -19.57 13.76 -52.82
C LEU A 406 -20.52 14.93 -52.61
N GLN A 407 -21.13 15.02 -51.43
CA GLN A 407 -22.06 16.12 -51.16
C GLN A 407 -21.33 17.46 -51.11
N HIS A 408 -20.14 17.50 -50.54
CA HIS A 408 -19.37 18.73 -50.37
C HIS A 408 -18.01 18.55 -51.01
N GLU A 409 -17.76 19.25 -52.12
CA GLU A 409 -16.50 19.09 -52.84
C GLU A 409 -15.34 19.75 -52.10
N GLY A 410 -15.57 20.93 -51.52
CA GLY A 410 -14.52 21.62 -50.80
C GLY A 410 -14.05 20.91 -49.55
N LEU A 411 -14.91 20.06 -48.97
CA LEU A 411 -14.53 19.32 -47.77
C LEU A 411 -13.38 18.37 -48.07
N LYS A 412 -13.42 17.69 -49.21
CA LYS A 412 -12.34 16.78 -49.58
C LYS A 412 -11.02 17.52 -49.77
N GLN A 413 -11.08 18.69 -50.42
CA GLN A 413 -9.86 19.48 -50.61
C GLN A 413 -9.31 19.96 -49.27
N LEU A 414 -10.19 20.40 -48.37
CA LEU A 414 -9.73 20.84 -47.06
C LEU A 414 -9.11 19.69 -46.28
N ILE A 415 -9.71 18.50 -46.35
CA ILE A 415 -9.16 17.34 -45.66
C ILE A 415 -7.80 16.99 -46.23
N CYS A 416 -7.65 17.01 -47.55
CA CYS A 416 -6.36 16.72 -48.16
C CYS A 416 -5.30 17.73 -47.73
N GLU A 417 -5.66 19.02 -47.72
CA GLU A 417 -4.71 20.04 -47.30
C GLU A 417 -4.30 19.86 -45.85
N GLU A 418 -5.26 19.52 -44.98
CA GLU A 418 -4.93 19.32 -43.57
C GLU A 418 -4.06 18.08 -43.38
N MET A 419 -4.32 17.01 -44.12
CA MET A 419 -3.63 15.75 -43.92
C MET A 419 -2.31 15.65 -44.68
N ASP A 420 -2.02 16.60 -45.57
CA ASP A 420 -0.72 16.59 -46.25
C ASP A 420 0.44 16.71 -45.28
N SER A 421 0.22 17.30 -44.10
CA SER A 421 1.27 17.49 -43.12
C SER A 421 1.37 16.36 -42.10
N VAL A 422 0.56 15.31 -42.25
CA VAL A 422 0.53 14.20 -41.31
C VAL A 422 1.29 13.03 -41.91
N ARG A 423 2.29 12.52 -41.17
CA ARG A 423 3.08 11.39 -41.65
C ARG A 423 2.24 10.12 -41.74
N LYS A 424 1.52 9.79 -40.66
CA LYS A 424 0.70 8.59 -40.63
C LYS A 424 -0.32 8.74 -39.52
N GLY A 425 -1.55 8.34 -39.81
CA GLY A 425 -2.62 8.45 -38.83
C GLY A 425 -3.92 7.91 -39.38
N SER A 426 -4.97 8.05 -38.58
CA SER A 426 -6.30 7.58 -38.93
C SER A 426 -7.31 8.70 -38.69
N LEU A 427 -8.19 8.91 -39.66
CA LEU A 427 -9.21 9.94 -39.58
C LEU A 427 -10.59 9.26 -39.59
N ILE A 428 -11.38 9.52 -38.57
CA ILE A 428 -12.68 8.88 -38.39
C ILE A 428 -13.75 9.97 -38.48
N PHE A 429 -14.69 9.81 -39.40
CA PHE A 429 -15.77 10.77 -39.61
C PHE A 429 -17.05 10.28 -38.94
N SER A 430 -17.85 11.24 -38.49
CA SER A 430 -19.15 10.95 -37.91
C SER A 430 -20.10 12.10 -38.21
N ARG A 431 -21.39 11.80 -38.23
CA ARG A 431 -22.38 12.87 -38.37
C ARG A 431 -22.32 13.82 -37.19
N SER A 432 -22.17 13.28 -35.99
CA SER A 432 -22.02 14.09 -34.79
C SER A 432 -21.27 13.27 -33.75
N TRP A 433 -20.00 13.58 -33.54
CA TRP A 433 -19.23 12.88 -32.51
C TRP A 433 -19.76 13.14 -31.11
N SER A 434 -20.54 14.20 -30.93
CA SER A 434 -21.14 14.48 -29.63
C SER A 434 -22.14 13.39 -29.24
N VAL A 435 -22.93 12.91 -30.22
CA VAL A 435 -23.90 11.87 -29.94
C VAL A 435 -23.21 10.57 -29.53
N ASP A 436 -22.12 10.21 -30.24
CA ASP A 436 -21.41 8.97 -29.94
C ASP A 436 -20.82 8.97 -28.54
N LEU A 437 -20.59 10.15 -27.95
CA LEU A 437 -20.08 10.26 -26.59
C LEU A 437 -21.17 10.39 -25.56
N GLY A 438 -22.43 10.38 -25.97
CA GLY A 438 -23.55 10.44 -25.05
C GLY A 438 -24.08 11.83 -24.74
N LEU A 439 -23.70 12.84 -25.53
CA LEU A 439 -24.14 14.19 -25.32
C LEU A 439 -25.29 14.54 -26.27
N GLN A 440 -25.77 15.77 -26.19
CA GLN A 440 -26.86 16.23 -27.03
C GLN A 440 -26.37 16.52 -28.44
N GLU A 441 -27.23 16.24 -29.43
CA GLU A 441 -26.88 16.48 -30.83
C GLU A 441 -27.01 17.95 -31.18
N ASN A 442 -26.08 18.42 -32.02
CA ASN A 442 -26.13 19.77 -32.58
C ASN A 442 -26.37 19.62 -34.07
N HIS A 443 -27.56 20.03 -34.53
CA HIS A 443 -27.93 19.83 -35.93
C HIS A 443 -27.24 20.82 -36.87
N LYS A 444 -26.69 21.91 -36.34
CA LYS A 444 -26.03 22.89 -37.21
C LYS A 444 -24.67 22.39 -37.69
N VAL A 445 -24.03 21.50 -36.94
CA VAL A 445 -22.73 20.96 -37.33
C VAL A 445 -22.94 19.93 -38.43
N LEU A 446 -22.24 20.13 -39.56
CA LEU A 446 -22.38 19.21 -40.69
C LEU A 446 -21.84 17.83 -40.34
N CYS A 447 -20.61 17.78 -39.82
CA CYS A 447 -19.99 16.52 -39.45
C CYS A 447 -18.81 16.81 -38.54
N ASP A 448 -18.32 15.75 -37.89
CA ASP A 448 -17.13 15.83 -37.04
C ASP A 448 -16.11 14.81 -37.51
N ALA A 449 -14.83 15.14 -37.32
CA ALA A 449 -13.74 14.26 -37.70
C ALA A 449 -12.73 14.20 -36.57
N LEU A 450 -12.33 12.98 -36.21
CA LEU A 450 -11.33 12.75 -35.18
C LEU A 450 -10.07 12.20 -35.84
N LEU A 451 -8.95 12.86 -35.62
CA LEU A 451 -7.66 12.48 -36.19
C LEU A 451 -6.77 11.93 -35.09
N ILE A 452 -6.30 10.70 -35.26
CA ILE A 452 -5.39 10.05 -34.32
C ILE A 452 -4.08 9.79 -35.05
N SER A 453 -3.01 10.43 -34.59
CA SER A 453 -1.69 10.29 -35.18
C SER A 453 -0.66 10.08 -34.08
N GLN A 454 0.46 9.48 -34.45
CA GLN A 454 1.50 9.19 -33.46
C GLN A 454 2.28 10.43 -33.07
N ASP A 455 2.52 11.34 -34.00
CA ASP A 455 3.34 12.52 -33.73
C ASP A 455 2.58 13.67 -33.09
N SER A 456 1.25 13.61 -33.07
CA SER A 456 0.44 14.72 -32.56
C SER A 456 -0.65 14.17 -31.66
N PRO A 457 -1.14 14.98 -30.73
CA PRO A 457 -2.30 14.57 -29.91
C PRO A 457 -3.55 14.48 -30.76
N PRO A 458 -4.57 13.75 -30.31
CA PRO A 458 -5.80 13.65 -31.09
C PRO A 458 -6.42 15.01 -31.36
N VAL A 459 -6.94 15.18 -32.57
CA VAL A 459 -7.54 16.44 -33.02
C VAL A 459 -8.94 16.16 -33.51
N LEU A 460 -9.91 16.93 -33.01
CA LEU A 460 -11.29 16.83 -33.43
C LEU A 460 -11.61 17.96 -34.39
N TYR A 461 -12.04 17.61 -35.60
CA TYR A 461 -12.37 18.58 -36.63
C TYR A 461 -13.88 18.75 -36.69
N THR A 462 -14.35 19.95 -36.40
CA THR A 462 -15.76 20.30 -36.53
C THR A 462 -15.95 21.15 -37.78
N PHE A 463 -16.98 20.85 -38.56
CA PHE A 463 -17.30 21.56 -39.78
C PHE A 463 -18.71 22.10 -39.69
N HIS A 464 -18.90 23.36 -40.05
CA HIS A 464 -20.22 23.97 -40.00
C HIS A 464 -20.46 24.84 -41.23
N MET A 465 -21.73 24.99 -41.59
CA MET A 465 -22.15 25.81 -42.72
C MET A 465 -22.67 27.18 -42.30
N VAL A 466 -22.68 27.49 -41.01
CA VAL A 466 -23.24 28.73 -40.50
C VAL A 466 -22.11 29.72 -40.30
N GLN A 467 -22.17 30.85 -41.02
CA GLN A 467 -21.09 31.83 -41.00
C GLN A 467 -21.10 32.69 -39.74
N ASP A 468 -22.28 33.01 -39.22
CA ASP A 468 -22.41 33.99 -38.15
C ASP A 468 -22.56 33.36 -36.77
N GLU A 469 -22.31 32.06 -36.63
CA GLU A 469 -22.44 31.38 -35.36
C GLU A 469 -21.11 30.74 -34.97
N GLU A 470 -20.85 30.72 -33.67
CA GLU A 470 -19.61 30.18 -33.12
C GLU A 470 -19.88 28.85 -32.45
N PHE A 471 -19.06 27.85 -32.75
CA PHE A 471 -19.20 26.50 -32.21
C PHE A 471 -18.05 26.13 -31.27
N LYS A 472 -17.45 27.13 -30.63
CA LYS A 472 -16.32 26.85 -29.74
C LYS A 472 -16.74 26.02 -28.54
N GLY A 473 -17.87 26.36 -27.92
CA GLY A 473 -18.31 25.63 -26.74
C GLY A 473 -18.67 24.19 -27.03
N TYR A 474 -19.39 23.95 -28.14
CA TYR A 474 -19.77 22.60 -28.51
C TYR A 474 -18.53 21.73 -28.76
N SER A 475 -17.57 22.25 -29.52
CA SER A 475 -16.36 21.49 -29.81
C SER A 475 -15.55 21.25 -28.55
N THR A 476 -15.45 22.25 -27.68
CA THR A 476 -14.69 22.08 -26.44
C THR A 476 -15.33 21.02 -25.55
N GLN A 477 -16.66 21.05 -25.41
CA GLN A 477 -17.35 20.04 -24.61
C GLN A 477 -17.19 18.64 -25.21
N THR A 478 -17.29 18.53 -26.54
CA THR A 478 -17.11 17.24 -27.17
C THR A 478 -15.70 16.70 -26.96
N ALA A 479 -14.69 17.56 -27.07
CA ALA A 479 -13.32 17.13 -26.84
C ALA A 479 -13.10 16.72 -25.39
N LEU A 480 -13.67 17.48 -24.45
CA LEU A 480 -13.56 17.12 -23.04
C LEU A 480 -14.18 15.76 -22.77
N THR A 481 -15.38 15.53 -23.29
CA THR A 481 -16.05 14.24 -23.09
C THR A 481 -15.27 13.12 -23.74
N LEU A 482 -14.71 13.36 -24.93
CA LEU A 482 -13.91 12.32 -25.59
C LEU A 482 -12.67 11.98 -24.76
N LYS A 483 -11.99 12.99 -24.22
CA LYS A 483 -10.83 12.72 -23.38
C LYS A 483 -11.21 11.93 -22.15
N GLN A 484 -12.32 12.31 -21.50
CA GLN A 484 -12.75 11.57 -20.31
C GLN A 484 -13.10 10.14 -20.63
N LYS A 485 -13.80 9.90 -21.75
CA LYS A 485 -14.17 8.54 -22.13
C LYS A 485 -12.94 7.71 -22.47
N LEU A 486 -11.97 8.31 -23.17
CA LEU A 486 -10.74 7.59 -23.47
C LEU A 486 -9.98 7.23 -22.19
N ALA A 487 -9.93 8.16 -21.24
CA ALA A 487 -9.16 7.93 -20.03
C ALA A 487 -9.81 6.86 -19.14
N LYS A 488 -11.12 6.97 -18.92
CA LYS A 488 -11.80 6.08 -17.98
C LYS A 488 -12.39 4.86 -18.66
N ILE A 489 -13.35 5.08 -19.57
CA ILE A 489 -14.00 3.96 -20.25
C ILE A 489 -13.06 3.31 -21.25
N GLY A 490 -12.29 4.11 -21.97
CA GLY A 490 -11.41 3.55 -23.00
C GLY A 490 -10.29 2.71 -22.43
N GLY A 491 -9.77 3.11 -21.26
CA GLY A 491 -8.67 2.39 -20.65
C GLY A 491 -7.30 2.91 -21.00
N TYR A 492 -7.21 4.05 -21.67
CA TYR A 492 -5.92 4.64 -22.00
C TYR A 492 -5.21 5.07 -20.72
N THR A 493 -3.95 4.64 -20.57
CA THR A 493 -3.21 4.81 -19.33
C THR A 493 -2.11 5.86 -19.42
N LYS A 494 -2.04 6.61 -20.51
CA LYS A 494 -1.03 7.63 -20.69
C LYS A 494 -1.68 9.01 -20.73
N LYS A 495 -0.85 10.04 -20.59
CA LYS A 495 -1.34 11.41 -20.62
C LYS A 495 -1.82 11.75 -22.03
N VAL A 496 -3.07 12.22 -22.12
CA VAL A 496 -3.71 12.48 -23.40
C VAL A 496 -4.43 13.82 -23.33
N CYS A 497 -4.33 14.60 -24.40
CA CYS A 497 -5.08 15.83 -24.57
C CYS A 497 -5.69 15.84 -25.97
N VAL A 498 -6.83 16.49 -26.10
CA VAL A 498 -7.57 16.55 -27.36
C VAL A 498 -7.63 18.01 -27.81
N MET A 499 -7.12 18.28 -29.00
CA MET A 499 -7.22 19.60 -29.61
C MET A 499 -8.45 19.66 -30.51
N THR A 500 -8.86 20.87 -30.86
CA THR A 500 -10.02 21.08 -31.70
C THR A 500 -9.69 22.06 -32.82
N LYS A 501 -10.25 21.81 -34.00
CA LYS A 501 -10.18 22.72 -35.13
C LYS A 501 -11.56 22.88 -35.73
N ILE A 502 -11.99 24.12 -35.91
CA ILE A 502 -13.33 24.43 -36.41
C ILE A 502 -13.20 25.07 -37.78
N PHE A 503 -13.98 24.57 -38.74
CA PHE A 503 -13.94 25.05 -40.11
C PHE A 503 -15.34 25.42 -40.58
N TYR A 504 -15.40 26.45 -41.42
CA TYR A 504 -16.63 26.89 -42.06
C TYR A 504 -16.57 26.48 -43.53
N LEU A 505 -17.59 25.74 -43.97
CA LEU A 505 -17.67 25.28 -45.36
C LEU A 505 -18.64 26.18 -46.11
N SER A 506 -18.09 27.10 -46.90
CA SER A 506 -18.92 27.98 -47.70
C SER A 506 -19.61 27.19 -48.81
N PRO A 507 -20.82 27.60 -49.21
CA PRO A 507 -21.50 26.91 -50.32
C PRO A 507 -20.70 26.92 -51.61
N GLU A 508 -19.88 27.94 -51.84
CA GLU A 508 -19.05 28.02 -53.03
C GLU A 508 -17.75 27.23 -52.90
N GLY A 509 -17.49 26.62 -51.74
CA GLY A 509 -16.31 25.79 -51.56
C GLY A 509 -15.16 26.44 -50.82
N MET A 510 -15.33 27.63 -50.27
CA MET A 510 -14.26 28.29 -49.53
C MET A 510 -14.23 27.78 -48.10
N THR A 511 -13.03 27.44 -47.63
CA THR A 511 -12.82 26.88 -46.31
C THR A 511 -11.95 27.82 -45.50
N SER A 512 -12.36 28.10 -44.26
CA SER A 512 -11.62 28.96 -43.36
C SER A 512 -11.56 28.32 -41.98
N CYS A 513 -10.41 28.44 -41.32
CA CYS A 513 -10.20 27.89 -39.99
C CYS A 513 -10.60 28.95 -38.96
N GLN A 514 -11.82 28.84 -38.45
CA GLN A 514 -12.30 29.84 -37.49
C GLN A 514 -11.60 29.71 -36.15
N TYR A 515 -11.41 28.50 -35.66
CA TYR A 515 -10.83 28.29 -34.34
C TYR A 515 -9.80 27.16 -34.39
N ASP A 516 -8.62 27.41 -33.83
CA ASP A 516 -7.56 26.43 -33.73
C ASP A 516 -7.13 26.36 -32.28
N LEU A 517 -7.47 25.25 -31.61
CA LEU A 517 -7.21 25.14 -30.18
C LEU A 517 -5.72 25.03 -29.87
N ARG A 518 -4.96 24.33 -30.73
CA ARG A 518 -3.56 24.07 -30.43
C ARG A 518 -2.74 25.35 -30.34
N SER A 519 -3.07 26.35 -31.15
CA SER A 519 -2.33 27.60 -31.14
C SER A 519 -2.70 28.51 -29.97
N GLN A 520 -3.74 28.17 -29.21
CA GLN A 520 -4.19 29.03 -28.12
C GLN A 520 -3.97 28.46 -26.73
N VAL A 521 -3.68 27.16 -26.62
CA VAL A 521 -3.41 26.53 -25.32
C VAL A 521 -2.06 25.82 -25.40
N ILE A 522 -1.44 25.65 -24.24
CA ILE A 522 -0.13 25.03 -24.14
C ILE A 522 -0.19 23.93 -23.09
N TYR A 523 0.44 22.79 -23.39
CA TYR A 523 0.49 21.62 -22.54
C TYR A 523 1.93 21.23 -22.30
N PRO A 524 2.21 20.45 -21.25
CA PRO A 524 3.53 19.84 -21.12
C PRO A 524 3.81 18.92 -22.29
N GLU A 525 5.09 18.78 -22.63
CA GLU A 525 5.49 18.04 -23.82
C GLU A 525 4.97 16.61 -23.81
N SER A 526 4.80 16.02 -22.62
CA SER A 526 4.33 14.64 -22.54
C SER A 526 2.96 14.47 -23.18
N TYR A 527 2.15 15.53 -23.22
CA TYR A 527 0.83 15.46 -23.82
C TYR A 527 0.85 15.54 -25.34
N TYR A 528 1.97 15.94 -25.94
CA TYR A 528 2.04 16.11 -27.39
C TYR A 528 2.49 14.86 -28.13
N PHE A 529 2.85 13.79 -27.41
CA PHE A 529 3.24 12.53 -28.03
C PHE A 529 2.35 11.43 -27.49
N THR A 530 1.65 10.75 -28.40
CA THR A 530 0.68 9.73 -28.03
C THR A 530 0.97 8.45 -28.79
N ARG A 531 0.52 7.33 -28.21
CA ARG A 531 0.69 6.01 -28.80
C ARG A 531 -0.53 5.73 -29.68
N ARG A 532 -0.33 5.68 -30.99
CA ARG A 532 -1.44 5.59 -31.93
C ARG A 532 -2.21 4.28 -31.75
N LYS A 533 -1.50 3.16 -31.63
CA LYS A 533 -2.17 1.87 -31.49
C LYS A 533 -2.97 1.80 -30.20
N TYR A 534 -2.40 2.26 -29.09
CA TYR A 534 -3.11 2.25 -27.83
C TYR A 534 -4.28 3.22 -27.83
N LEU A 535 -4.12 4.37 -28.50
CA LEU A 535 -5.23 5.29 -28.65
C LEU A 535 -6.38 4.66 -29.43
N LEU A 536 -6.06 3.95 -30.51
CA LEU A 536 -7.11 3.29 -31.29
C LEU A 536 -7.78 2.20 -30.46
N LYS A 537 -7.00 1.43 -29.70
CA LYS A 537 -7.58 0.39 -28.86
C LYS A 537 -8.51 0.99 -27.80
N ALA A 538 -8.07 2.08 -27.16
CA ALA A 538 -8.91 2.72 -26.15
C ALA A 538 -10.18 3.30 -26.77
N LEU A 539 -10.06 3.90 -27.95
CA LEU A 539 -11.24 4.43 -28.64
C LEU A 539 -12.22 3.31 -29.00
N PHE A 540 -11.69 2.18 -29.47
CA PHE A 540 -12.55 1.04 -29.79
C PHE A 540 -13.28 0.55 -28.54
N LYS A 541 -12.55 0.42 -27.43
CA LYS A 541 -13.18 -0.05 -26.20
C LYS A 541 -14.24 0.93 -25.71
N ALA A 542 -13.94 2.23 -25.77
CA ALA A 542 -14.91 3.23 -25.32
C ALA A 542 -16.15 3.24 -26.19
N LEU A 543 -15.98 3.14 -27.51
CA LEU A 543 -17.13 3.09 -28.40
C LEU A 543 -17.96 1.83 -28.17
N LYS A 544 -17.30 0.70 -27.93
CA LYS A 544 -18.04 -0.53 -27.65
C LYS A 544 -18.83 -0.42 -26.35
N ARG A 545 -18.23 0.17 -25.31
CA ARG A 545 -18.93 0.29 -24.04
C ARG A 545 -20.00 1.39 -24.06
N LEU A 546 -19.94 2.30 -25.01
CA LEU A 546 -20.94 3.37 -25.12
C LEU A 546 -22.08 3.01 -26.07
N LYS A 547 -22.07 1.80 -26.64
CA LYS A 547 -23.10 1.36 -27.59
C LYS A 547 -23.21 2.31 -28.78
N SER A 548 -22.07 2.83 -29.23
CA SER A 548 -22.03 3.72 -30.37
C SER A 548 -20.99 3.27 -31.40
N LEU A 549 -20.65 1.99 -31.41
CA LEU A 549 -19.69 1.42 -32.35
C LEU A 549 -20.45 0.73 -33.46
N ARG A 550 -20.52 1.38 -34.63
CA ARG A 550 -21.22 0.81 -35.77
C ARG A 550 -20.29 0.50 -36.93
N ASP A 551 -19.56 1.51 -37.43
CA ASP A 551 -18.64 1.29 -38.55
C ASP A 551 -17.37 2.12 -38.43
N GLN A 552 -17.02 2.58 -37.22
CA GLN A 552 -15.85 3.42 -37.06
C GLN A 552 -14.57 2.67 -37.45
N PHE A 553 -14.48 1.41 -37.09
CA PHE A 553 -13.34 0.57 -37.44
C PHE A 553 -13.79 -0.48 -38.44
N SER A 554 -13.11 -0.53 -39.59
CA SER A 554 -13.47 -1.43 -40.67
C SER A 554 -12.77 -2.77 -40.48
N PHE A 555 -13.54 -3.85 -40.49
CA PHE A 555 -12.98 -5.19 -40.33
C PHE A 555 -13.12 -6.00 -41.61
N ASN B 7 22.44 -13.61 13.37
CA ASN B 7 22.40 -14.07 14.76
C ASN B 7 21.05 -14.67 15.09
N ILE B 8 20.38 -15.22 14.08
CA ILE B 8 19.10 -15.89 14.23
C ILE B 8 19.29 -17.36 13.88
N SER B 9 18.91 -18.24 14.80
CA SER B 9 19.10 -19.68 14.63
C SER B 9 17.78 -20.40 14.85
N VAL B 10 17.62 -21.50 14.12
CA VAL B 10 16.42 -22.34 14.27
C VAL B 10 16.60 -23.22 15.50
N ASP B 11 15.61 -23.18 16.38
CA ASP B 11 15.65 -23.96 17.61
C ASP B 11 15.21 -25.39 17.32
N LEU B 12 16.14 -26.33 17.45
CA LEU B 12 15.86 -27.74 17.21
C LEU B 12 15.47 -28.50 18.47
N GLU B 13 15.61 -27.89 19.64
CA GLU B 13 15.28 -28.54 20.90
C GLU B 13 13.87 -28.26 21.37
N THR B 14 13.09 -27.49 20.60
CA THR B 14 11.74 -27.15 21.00
C THR B 14 10.79 -28.33 20.80
N ASN B 15 9.72 -28.35 21.58
CA ASN B 15 8.68 -29.37 21.44
C ASN B 15 7.61 -28.99 20.41
N TYR B 16 7.58 -27.73 19.97
CA TYR B 16 6.58 -27.30 19.01
C TYR B 16 6.82 -27.97 17.66
N ALA B 17 5.73 -28.28 16.95
CA ALA B 17 5.81 -28.84 15.61
C ALA B 17 5.76 -27.74 14.56
N GLU B 18 6.75 -26.85 14.63
CA GLU B 18 6.84 -25.71 13.74
C GLU B 18 8.23 -25.11 13.85
N LEU B 19 8.55 -24.20 12.94
CA LEU B 19 9.84 -23.53 12.95
C LEU B 19 9.89 -22.53 14.10
N VAL B 20 10.81 -22.74 15.03
CA VAL B 20 11.02 -21.83 16.15
C VAL B 20 12.36 -21.14 15.94
N LEU B 21 12.33 -19.82 15.82
CA LEU B 21 13.51 -19.01 15.58
C LEU B 21 13.91 -18.31 16.88
N ASP B 22 15.13 -18.53 17.32
CA ASP B 22 15.65 -17.91 18.52
C ASP B 22 16.44 -16.66 18.13
N VAL B 23 16.01 -15.52 18.64
CA VAL B 23 16.62 -14.23 18.29
C VAL B 23 17.48 -13.69 19.41
N GLY B 24 17.73 -14.49 20.45
CA GLY B 24 18.55 -14.05 21.55
C GLY B 24 17.81 -13.17 22.54
N ARG B 25 18.60 -12.52 23.40
CA ARG B 25 18.03 -11.66 24.43
C ARG B 25 17.43 -10.41 23.81
N VAL B 26 16.18 -10.12 24.15
CA VAL B 26 15.46 -8.97 23.65
C VAL B 26 14.81 -8.24 24.82
N THR B 27 15.06 -6.94 24.92
CA THR B 27 14.41 -6.11 25.93
C THR B 27 12.98 -5.82 25.51
N LEU B 28 12.05 -5.98 26.44
CA LEU B 28 10.62 -5.81 26.16
C LEU B 28 10.01 -4.85 27.16
N GLY B 29 8.92 -4.22 26.75
CA GLY B 29 8.23 -3.25 27.57
C GLY B 29 8.43 -1.85 26.99
N GLU B 30 7.35 -1.06 27.01
CA GLU B 30 7.42 0.28 26.44
C GLU B 30 8.43 1.14 27.21
N ASN B 31 8.29 1.21 28.53
CA ASN B 31 9.20 2.00 29.34
C ASN B 31 10.61 1.43 29.29
N SER B 32 10.75 0.10 29.32
CA SER B 32 12.07 -0.50 29.29
C SER B 32 12.78 -0.23 27.98
N ARG B 33 12.07 -0.32 26.86
CA ARG B 33 12.71 -0.10 25.57
C ARG B 33 12.96 1.37 25.29
N LYS B 34 12.08 2.26 25.74
CA LYS B 34 12.30 3.68 25.50
C LYS B 34 13.44 4.23 26.34
N LYS B 35 13.83 3.54 27.41
CA LYS B 35 14.90 3.98 28.28
C LYS B 35 16.20 3.23 28.06
N MET B 36 16.31 2.46 26.98
CA MET B 36 17.54 1.75 26.69
C MET B 36 18.65 2.73 26.35
N LYS B 37 19.76 2.66 27.09
CA LYS B 37 20.87 3.57 26.87
C LYS B 37 21.53 3.34 25.51
N ASP B 38 21.70 2.08 25.13
CA ASP B 38 22.38 1.73 23.88
C ASP B 38 21.33 1.66 22.77
N CYS B 39 21.29 2.70 21.93
CA CYS B 39 20.35 2.70 20.81
C CYS B 39 20.76 1.67 19.75
N LYS B 40 22.06 1.43 19.60
CA LYS B 40 22.51 0.41 18.64
C LYS B 40 21.98 -0.96 19.01
N LEU B 41 22.03 -1.32 20.29
CA LEU B 41 21.51 -2.62 20.72
C LEU B 41 20.00 -2.72 20.48
N ARG B 42 19.27 -1.64 20.77
CA ARG B 42 17.82 -1.65 20.55
C ARG B 42 17.51 -1.82 19.07
N LYS B 43 18.22 -1.10 18.19
CA LYS B 43 17.99 -1.24 16.76
C LYS B 43 18.36 -2.64 16.28
N LYS B 44 19.43 -3.22 16.84
CA LYS B 44 19.82 -4.58 16.46
C LYS B 44 18.76 -5.59 16.87
N GLN B 45 18.21 -5.45 18.08
CA GLN B 45 17.15 -6.36 18.52
C GLN B 45 15.91 -6.20 17.65
N ASN B 46 15.54 -4.96 17.32
CA ASN B 46 14.40 -4.73 16.44
C ASN B 46 14.63 -5.37 15.07
N GLU B 47 15.84 -5.21 14.53
CA GLU B 47 16.17 -5.80 13.24
C GLU B 47 16.09 -7.32 13.28
N SER B 48 16.61 -7.93 14.36
CA SER B 48 16.56 -9.38 14.48
C SER B 48 15.11 -9.88 14.56
N VAL B 49 14.28 -9.21 15.36
CA VAL B 49 12.89 -9.62 15.47
C VAL B 49 12.18 -9.47 14.14
N SER B 50 12.43 -8.37 13.43
CA SER B 50 11.79 -8.14 12.14
C SER B 50 12.23 -9.18 11.11
N ARG B 51 13.51 -9.51 11.10
CA ARG B 51 14.00 -10.53 10.17
C ARG B 51 13.40 -11.89 10.47
N ALA B 52 13.30 -12.25 11.75
CA ALA B 52 12.67 -13.52 12.11
C ALA B 52 11.21 -13.54 11.70
N MET B 53 10.49 -12.43 11.92
CA MET B 53 9.09 -12.38 11.53
C MET B 53 8.92 -12.50 10.02
N CYS B 54 9.76 -11.80 9.26
CA CYS B 54 9.69 -11.90 7.80
C CYS B 54 10.00 -13.31 7.33
N ALA B 55 11.01 -13.95 7.93
CA ALA B 55 11.35 -15.31 7.55
C ALA B 55 10.21 -16.28 7.84
N LEU B 56 9.57 -16.13 9.01
CA LEU B 56 8.45 -17.00 9.34
C LEU B 56 7.26 -16.75 8.43
N LEU B 57 7.01 -15.48 8.08
CA LEU B 57 5.93 -15.17 7.16
C LEU B 57 6.17 -15.79 5.79
N ASN B 58 7.42 -15.80 5.33
CA ASN B 58 7.75 -16.35 4.03
C ASN B 58 8.00 -17.85 4.06
N SER B 59 8.03 -18.49 5.22
CA SER B 59 8.36 -19.91 5.33
C SER B 59 7.23 -20.75 5.92
N GLY B 60 6.00 -20.24 5.91
CA GLY B 60 4.87 -21.02 6.38
C GLY B 60 4.47 -20.80 7.82
N GLY B 61 4.98 -19.75 8.47
CA GLY B 61 4.63 -19.46 9.84
C GLY B 61 5.49 -20.20 10.85
N GLY B 62 5.35 -19.80 12.11
CA GLY B 62 6.13 -20.42 13.15
C GLY B 62 6.08 -19.63 14.45
N VAL B 63 7.13 -19.76 15.24
CA VAL B 63 7.25 -19.08 16.52
C VAL B 63 8.58 -18.35 16.58
N ILE B 64 8.55 -17.13 17.08
CA ILE B 64 9.76 -16.39 17.43
C ILE B 64 9.91 -16.47 18.94
N LYS B 65 11.01 -17.07 19.40
CA LYS B 65 11.29 -17.19 20.82
C LYS B 65 12.40 -16.22 21.17
N ALA B 66 12.13 -15.31 22.10
CA ALA B 66 13.09 -14.30 22.52
C ALA B 66 13.28 -14.38 24.03
N GLU B 67 14.54 -14.49 24.45
CA GLU B 67 14.83 -14.46 25.88
C GLU B 67 14.60 -13.05 26.41
N ILE B 68 13.84 -12.94 27.49
CA ILE B 68 13.51 -11.64 28.05
C ILE B 68 14.75 -11.11 28.78
N GLU B 69 15.41 -10.11 28.19
CA GLU B 69 16.65 -9.60 28.75
C GLU B 69 16.41 -8.87 30.07
N ASN B 70 15.44 -7.96 30.09
CA ASN B 70 15.17 -7.19 31.29
C ASN B 70 14.48 -8.06 32.34
N GLU B 71 14.83 -7.83 33.60
CA GLU B 71 14.28 -8.59 34.71
C GLU B 71 12.98 -7.97 35.21
N ASP B 72 12.18 -8.79 35.88
CA ASP B 72 10.90 -8.37 36.44
C ASP B 72 9.99 -7.78 35.36
N TYR B 73 9.94 -8.44 34.21
CA TYR B 73 9.12 -8.00 33.09
C TYR B 73 7.80 -8.78 33.10
N SER B 74 6.69 -8.05 33.13
CA SER B 74 5.36 -8.63 33.00
C SER B 74 4.73 -8.12 31.72
N TYR B 75 4.29 -9.04 30.86
CA TYR B 75 3.70 -8.64 29.59
C TYR B 75 2.42 -7.84 29.81
N THR B 76 1.60 -8.26 30.77
CA THR B 76 0.34 -7.56 31.02
C THR B 76 0.56 -6.14 31.52
N LYS B 77 1.59 -5.95 32.37
CA LYS B 77 1.83 -4.64 32.95
C LYS B 77 2.70 -3.74 32.09
N ASP B 78 3.61 -4.30 31.30
CA ASP B 78 4.58 -3.50 30.55
C ASP B 78 4.25 -3.37 29.07
N GLY B 79 3.86 -4.46 28.42
CA GLY B 79 3.57 -4.40 27.00
C GLY B 79 4.67 -4.98 26.13
N ILE B 80 4.87 -4.41 24.94
CA ILE B 80 5.86 -4.93 24.00
C ILE B 80 6.91 -3.87 23.73
N GLY B 81 6.50 -2.73 23.19
CA GLY B 81 7.43 -1.68 22.81
C GLY B 81 7.00 -0.97 21.54
N LEU B 82 7.11 0.36 21.52
CA LEU B 82 6.59 1.13 20.40
C LEU B 82 7.30 0.81 19.10
N ASP B 83 8.63 0.69 19.13
CA ASP B 83 9.38 0.43 17.90
C ASP B 83 9.04 -0.94 17.31
N LEU B 84 8.93 -1.96 18.16
CA LEU B 84 8.58 -3.29 17.68
C LEU B 84 7.17 -3.29 17.07
N GLU B 85 6.23 -2.62 17.71
CA GLU B 85 4.87 -2.54 17.17
C GLU B 85 4.85 -1.80 15.85
N ASN B 86 5.63 -0.71 15.73
CA ASN B 86 5.71 0.00 14.47
C ASN B 86 6.29 -0.88 13.37
N SER B 87 7.33 -1.65 13.69
CA SER B 87 7.89 -2.57 12.70
C SER B 87 6.87 -3.61 12.27
N PHE B 88 6.12 -4.16 13.23
CA PHE B 88 5.11 -5.17 12.89
C PHE B 88 4.02 -4.55 12.01
N SER B 89 3.61 -3.32 12.31
CA SER B 89 2.61 -2.65 11.50
C SER B 89 3.13 -2.38 10.09
N ASN B 90 4.42 -2.02 9.97
CA ASN B 90 5.00 -1.84 8.65
C ASN B 90 5.00 -3.13 7.86
N ILE B 91 5.32 -4.24 8.51
CA ILE B 91 5.35 -5.53 7.81
C ILE B 91 3.94 -5.99 7.45
N LEU B 92 3.01 -5.89 8.39
CA LEU B 92 1.69 -6.48 8.26
C LEU B 92 0.61 -5.41 8.32
N LEU B 93 -0.35 -5.47 7.38
CA LEU B 93 -1.47 -4.54 7.41
C LEU B 93 -2.34 -4.73 8.65
N PHE B 94 -2.64 -5.99 8.98
CA PHE B 94 -3.49 -6.32 10.13
C PHE B 94 -2.69 -7.20 11.09
N VAL B 95 -2.14 -6.58 12.14
CA VAL B 95 -1.34 -7.33 13.10
C VAL B 95 -2.13 -8.43 13.80
N PRO B 96 -3.33 -8.19 14.33
CA PRO B 96 -4.04 -9.28 15.03
C PRO B 96 -4.36 -10.49 14.15
N GLU B 97 -4.41 -10.31 12.83
CA GLU B 97 -4.69 -11.44 11.96
C GLU B 97 -3.51 -12.40 11.84
N TYR B 98 -2.30 -11.94 12.10
CA TYR B 98 -1.10 -12.75 11.90
C TYR B 98 -0.30 -13.02 13.17
N LEU B 99 -0.32 -12.14 14.15
CA LEU B 99 0.59 -12.22 15.28
C LEU B 99 -0.16 -12.53 16.58
N ASP B 100 0.43 -13.40 17.38
CA ASP B 100 -0.03 -13.67 18.74
C ASP B 100 1.16 -13.58 19.68
N PHE B 101 0.95 -13.02 20.86
CA PHE B 101 2.02 -12.81 21.83
C PHE B 101 1.75 -13.60 23.10
N MET B 102 2.80 -14.20 23.65
CA MET B 102 2.65 -15.00 24.86
C MET B 102 3.94 -14.96 25.66
N GLN B 103 3.86 -14.52 26.91
CA GLN B 103 5.02 -14.57 27.80
C GLN B 103 4.99 -15.90 28.54
N ASN B 104 5.85 -16.82 28.14
CA ASN B 104 5.93 -18.14 28.75
C ASN B 104 7.21 -18.17 29.59
N GLY B 105 7.04 -18.06 30.90
CA GLY B 105 8.17 -18.09 31.80
C GLY B 105 9.14 -16.95 31.51
N ASN B 106 10.39 -17.30 31.23
CA ASN B 106 11.42 -16.33 30.94
C ASN B 106 11.53 -16.02 29.45
N TYR B 107 10.65 -16.59 28.62
CA TYR B 107 10.72 -16.39 27.18
C TYR B 107 9.47 -15.68 26.68
N PHE B 108 9.61 -15.02 25.54
CA PHE B 108 8.51 -14.34 24.86
C PHE B 108 8.33 -15.02 23.51
N LEU B 109 7.11 -15.49 23.25
CA LEU B 109 6.79 -16.22 22.04
C LEU B 109 5.88 -15.36 21.18
N ILE B 110 6.27 -15.19 19.93
CA ILE B 110 5.47 -14.51 18.92
C ILE B 110 5.06 -15.56 17.90
N PHE B 111 3.81 -15.98 17.95
CA PHE B 111 3.27 -16.92 16.97
C PHE B 111 2.89 -16.15 15.72
N VAL B 112 3.50 -16.53 14.59
CA VAL B 112 3.35 -15.83 13.34
C VAL B 112 2.66 -16.76 12.35
N LYS B 113 1.54 -16.31 11.80
CA LYS B 113 0.86 -17.04 10.75
C LYS B 113 1.58 -16.82 9.42
N SER B 114 1.44 -17.80 8.52
CA SER B 114 2.04 -17.67 7.20
C SER B 114 1.40 -16.56 6.41
N TRP B 115 2.19 -15.90 5.57
CA TRP B 115 1.66 -14.88 4.69
C TRP B 115 0.79 -15.53 3.62
N SER B 116 -0.41 -14.98 3.43
CA SER B 116 -1.37 -15.50 2.47
C SER B 116 -1.59 -14.49 1.36
N LEU B 117 -1.72 -14.98 0.13
CA LEU B 117 -2.01 -14.10 -1.00
C LEU B 117 -3.36 -13.43 -0.80
N ASN B 118 -3.42 -12.13 -1.06
CA ASN B 118 -4.63 -11.35 -0.80
C ASN B 118 -4.86 -10.42 -1.99
N THR B 119 -5.76 -9.46 -1.81
CA THR B 119 -6.12 -8.54 -2.90
C THR B 119 -4.94 -7.67 -3.31
N SER B 120 -3.98 -7.46 -2.40
CA SER B 120 -2.83 -6.63 -2.73
C SER B 120 -1.95 -7.27 -3.80
N GLY B 121 -2.00 -8.59 -3.94
CA GLY B 121 -1.21 -9.30 -4.91
C GLY B 121 0.18 -9.69 -4.46
N LEU B 122 0.58 -9.33 -3.25
CA LEU B 122 1.91 -9.68 -2.76
C LEU B 122 2.00 -11.16 -2.45
N ARG B 123 3.07 -11.80 -2.92
CA ARG B 123 3.32 -13.20 -2.64
C ARG B 123 4.24 -13.42 -1.45
N ILE B 124 5.12 -12.47 -1.16
CA ILE B 124 6.03 -12.55 -0.03
C ILE B 124 6.02 -11.22 0.70
N THR B 125 6.67 -11.20 1.87
CA THR B 125 6.81 -10.00 2.68
C THR B 125 8.26 -9.53 2.62
N THR B 126 8.44 -8.21 2.55
CA THR B 126 9.77 -7.61 2.44
C THR B 126 9.91 -6.54 3.51
N LEU B 127 11.04 -6.58 4.25
CA LEU B 127 11.33 -5.51 5.20
C LEU B 127 11.56 -4.19 4.47
N SER B 128 12.28 -4.23 3.36
CA SER B 128 12.54 -3.05 2.55
C SER B 128 12.98 -3.51 1.17
N SER B 129 12.25 -3.09 0.13
CA SER B 129 12.59 -3.50 -1.22
C SER B 129 13.88 -2.87 -1.71
N ASN B 130 14.34 -1.81 -1.04
CA ASN B 130 15.57 -1.09 -1.40
C ASN B 130 15.49 -0.50 -2.80
N LEU B 131 14.29 -0.37 -3.35
CA LEU B 131 14.06 0.36 -4.59
C LEU B 131 13.60 1.76 -4.25
N TYR B 132 14.32 2.75 -4.75
CA TYR B 132 13.98 4.14 -4.48
C TYR B 132 13.41 4.83 -5.70
N LYS B 133 12.55 5.82 -5.45
CA LYS B 133 11.92 6.63 -6.49
C LYS B 133 11.99 8.09 -6.09
N ARG B 134 11.63 8.99 -6.99
CA ARG B 134 11.68 10.42 -6.71
C ARG B 134 10.30 11.05 -6.47
N ASP B 135 10.03 11.43 -5.22
CA ASP B 135 8.76 12.04 -4.89
C ASP B 135 8.92 13.54 -4.98
N ILE B 136 9.09 14.01 -6.18
CA ILE B 136 9.32 15.40 -6.57
C ILE B 136 10.65 15.91 -6.02
N THR B 137 10.83 15.98 -4.72
CA THR B 137 12.14 16.39 -4.19
C THR B 137 12.79 15.32 -3.35
N SER B 138 12.06 14.32 -2.90
CA SER B 138 12.68 13.35 -1.99
C SER B 138 12.88 11.98 -2.58
N ALA B 139 13.93 11.28 -2.12
CA ALA B 139 14.11 9.90 -2.52
C ALA B 139 13.50 9.00 -1.47
N LYS B 140 12.49 8.24 -1.86
CA LYS B 140 11.79 7.35 -0.95
C LYS B 140 11.83 5.91 -1.42
N VAL B 141 11.96 4.99 -0.46
CA VAL B 141 12.00 3.57 -0.78
C VAL B 141 10.61 3.08 -1.10
N MET B 142 10.44 2.51 -2.29
CA MET B 142 9.15 2.00 -2.73
C MET B 142 8.63 0.99 -1.71
N ASN B 143 7.38 1.16 -1.30
CA ASN B 143 6.72 0.16 -0.48
C ASN B 143 6.45 -1.09 -1.30
N ALA B 144 5.83 -2.09 -0.66
CA ALA B 144 5.59 -3.36 -1.33
C ALA B 144 4.70 -3.19 -2.54
N THR B 145 3.62 -2.39 -2.42
CA THR B 145 2.72 -2.19 -3.54
C THR B 145 3.37 -1.40 -4.66
N ALA B 146 4.08 -0.33 -4.31
CA ALA B 146 4.76 0.48 -5.32
C ALA B 146 5.84 -0.33 -6.04
N ALA B 147 6.62 -1.09 -5.28
CA ALA B 147 7.64 -1.94 -5.89
C ALA B 147 7.02 -2.99 -6.80
N LEU B 148 5.92 -3.59 -6.35
CA LEU B 148 5.22 -4.58 -7.17
C LEU B 148 4.76 -3.97 -8.49
N GLU B 149 4.14 -2.79 -8.43
CA GLU B 149 3.65 -2.14 -9.64
C GLU B 149 4.81 -1.78 -10.56
N PHE B 150 5.89 -1.23 -10.00
CA PHE B 150 7.04 -0.84 -10.81
C PHE B 150 7.66 -2.05 -11.51
N LEU B 151 7.88 -3.13 -10.77
CA LEU B 151 8.50 -4.31 -11.35
C LEU B 151 7.61 -4.95 -12.40
N LYS B 152 6.31 -5.05 -12.14
CA LYS B 152 5.41 -5.65 -13.13
C LYS B 152 5.32 -4.80 -14.38
N ASP B 153 5.27 -3.48 -14.23
CA ASP B 153 5.24 -2.60 -15.39
C ASP B 153 6.51 -2.74 -16.22
N MET B 154 7.67 -2.82 -15.57
CA MET B 154 8.91 -3.00 -16.32
C MET B 154 8.96 -4.36 -17.01
N LYS B 155 8.50 -5.40 -16.33
CA LYS B 155 8.52 -6.78 -16.91
C LYS B 155 7.61 -6.81 -18.13
N LYS B 156 6.43 -6.19 -18.06
CA LYS B 156 5.47 -6.26 -19.15
C LYS B 156 6.02 -5.64 -20.43
N THR B 157 6.77 -4.55 -20.31
CA THR B 157 7.30 -3.83 -21.45
C THR B 157 8.76 -4.14 -21.73
N ARG B 158 9.31 -5.19 -21.11
CA ARG B 158 10.71 -5.57 -21.29
C ARG B 158 11.65 -4.40 -20.95
N GLY B 159 11.31 -3.68 -19.89
CA GLY B 159 12.07 -2.51 -19.52
C GLY B 159 11.27 -1.23 -19.72
N ARG B 160 11.96 -0.13 -20.01
CA ARG B 160 11.29 1.14 -20.21
C ARG B 160 12.22 2.15 -20.89
N LEU B 167 11.47 13.57 -30.42
CA LEU B 167 12.17 14.85 -30.28
C LEU B 167 11.31 15.87 -29.56
N LEU B 168 11.46 17.14 -29.93
CA LEU B 168 10.68 18.22 -29.36
C LEU B 168 9.38 18.42 -30.12
N ALA B 169 8.39 18.97 -29.44
CA ALA B 169 7.09 19.24 -30.02
C ALA B 169 6.83 20.74 -30.08
N LYS B 170 6.29 21.19 -31.20
CA LYS B 170 6.01 22.61 -31.37
C LYS B 170 4.90 23.04 -30.43
N ARG B 171 5.12 24.13 -29.70
CA ARG B 171 4.17 24.67 -28.75
C ARG B 171 4.06 26.17 -28.94
N PRO B 172 2.93 26.77 -28.55
CA PRO B 172 2.81 28.23 -28.64
C PRO B 172 3.87 28.93 -27.80
N CYS B 173 4.33 30.08 -28.31
CA CYS B 173 5.37 30.85 -27.65
C CYS B 173 4.78 31.55 -26.43
N VAL B 174 4.72 30.81 -25.32
CA VAL B 174 4.20 31.31 -24.06
C VAL B 174 5.29 31.17 -23.00
N ASP B 175 5.50 32.22 -22.23
CA ASP B 175 6.51 32.23 -21.19
C ASP B 175 6.01 31.37 -20.02
N ILE B 176 6.49 30.13 -19.95
CA ILE B 176 6.08 29.19 -18.91
C ILE B 176 7.33 28.63 -18.24
N GLN B 177 7.13 28.08 -17.05
CA GLN B 177 8.20 27.45 -16.29
C GLN B 177 7.79 26.04 -15.93
N GLU B 178 8.68 25.08 -16.19
CA GLU B 178 8.42 23.67 -15.92
C GLU B 178 9.66 23.07 -15.25
N GLU B 179 9.57 21.77 -14.95
CA GLU B 179 10.73 21.06 -14.41
C GLU B 179 11.84 20.96 -15.46
N ASN B 180 11.49 20.97 -16.75
CA ASN B 180 12.50 20.94 -17.79
C ASN B 180 13.43 22.14 -17.71
N ASN B 181 12.91 23.29 -17.28
CA ASN B 181 13.76 24.46 -17.10
C ASN B 181 14.81 24.22 -16.02
N MET B 182 14.40 23.64 -14.89
CA MET B 182 15.35 23.32 -13.84
C MET B 182 16.37 22.29 -14.31
N LYS B 183 15.91 21.28 -15.06
CA LYS B 183 16.84 20.27 -15.56
C LYS B 183 17.85 20.87 -16.52
N ALA B 184 17.42 21.76 -17.41
CA ALA B 184 18.34 22.42 -18.33
C ALA B 184 19.32 23.32 -17.60
N LEU B 185 18.84 24.06 -16.59
CA LEU B 185 19.75 24.90 -15.82
C LEU B 185 20.77 24.07 -15.07
N ALA B 186 20.35 22.94 -14.50
CA ALA B 186 21.28 22.05 -13.83
C ALA B 186 22.29 21.46 -14.80
N GLY B 187 21.85 21.13 -16.00
CA GLY B 187 22.78 20.63 -17.01
C GLY B 187 23.80 21.66 -17.42
N VAL B 188 23.37 22.91 -17.58
CA VAL B 188 24.31 23.98 -17.89
C VAL B 188 25.29 24.18 -16.75
N PHE B 189 24.79 24.14 -15.50
CA PHE B 189 25.65 24.25 -14.33
C PHE B 189 26.64 23.09 -14.26
N PHE B 190 26.26 21.92 -14.77
CA PHE B 190 27.14 20.76 -14.74
C PHE B 190 28.35 20.96 -15.64
N ASP B 191 28.17 21.61 -16.78
CA ASP B 191 29.23 21.77 -17.77
C ASP B 191 30.15 22.95 -17.48
N ARG B 192 29.90 23.72 -16.43
CA ARG B 192 30.75 24.86 -16.13
C ARG B 192 32.13 24.38 -15.69
N THR B 193 33.17 24.97 -16.28
CA THR B 193 34.54 24.59 -15.94
C THR B 193 34.90 25.03 -14.52
N GLU B 194 34.49 26.23 -14.13
CA GLU B 194 34.83 26.77 -12.82
C GLU B 194 33.61 27.49 -12.25
N LEU B 195 33.58 27.60 -10.93
CA LEU B 195 32.48 28.24 -10.22
C LEU B 195 33.00 29.38 -9.35
N ASP B 196 32.13 30.34 -9.07
CA ASP B 196 32.43 31.47 -8.21
C ASP B 196 31.74 31.28 -6.87
N ARG B 197 32.48 31.53 -5.79
CA ARG B 197 31.94 31.34 -4.46
C ARG B 197 30.87 32.38 -4.14
N LYS B 198 29.91 31.98 -3.32
CA LYS B 198 28.85 32.87 -2.84
C LYS B 198 28.03 33.46 -3.99
N GLU B 199 27.69 32.62 -4.96
CA GLU B 199 26.76 32.99 -6.01
C GLU B 199 25.52 32.10 -5.90
N LYS B 200 24.36 32.68 -6.22
CA LYS B 200 23.09 31.97 -6.07
C LYS B 200 22.75 31.20 -7.33
N LEU B 201 22.19 30.02 -7.16
CA LEU B 201 21.74 29.21 -8.28
C LEU B 201 20.47 29.78 -8.88
N THR B 202 20.24 29.48 -10.15
CA THR B 202 19.03 29.85 -10.84
C THR B 202 17.98 28.74 -10.84
N PHE B 203 18.26 27.63 -10.15
CA PHE B 203 17.34 26.50 -10.08
C PHE B 203 17.31 25.96 -8.67
N THR B 204 16.37 25.05 -8.41
CA THR B 204 16.22 24.44 -7.10
C THR B 204 15.99 22.94 -7.30
N GLU B 205 15.70 22.23 -6.22
CA GLU B 205 15.49 20.80 -6.31
C GLU B 205 14.20 20.49 -7.05
N SER B 206 14.21 19.38 -7.78
CA SER B 206 13.05 18.91 -8.52
C SER B 206 13.20 17.41 -8.72
N THR B 207 12.37 16.85 -9.61
CA THR B 207 12.45 15.42 -9.90
C THR B 207 13.81 15.03 -10.47
N HIS B 208 14.53 15.97 -11.09
CA HIS B 208 15.82 15.70 -11.70
C HIS B 208 16.97 16.42 -11.01
N VAL B 209 16.73 17.12 -9.91
CA VAL B 209 17.77 17.87 -9.22
C VAL B 209 17.72 17.56 -7.73
N GLU B 210 18.86 17.19 -7.18
CA GLU B 210 19.02 17.02 -5.74
C GLU B 210 20.27 17.78 -5.30
N ILE B 211 20.16 18.52 -4.21
CA ILE B 211 21.24 19.37 -3.71
C ILE B 211 21.46 19.04 -2.25
N LYS B 212 22.69 18.67 -1.90
CA LYS B 212 23.03 18.31 -0.54
C LYS B 212 24.33 19.00 -0.13
N ASN B 213 24.47 19.24 1.17
CA ASN B 213 25.66 19.86 1.75
C ASN B 213 26.26 18.91 2.79
N PHE B 214 27.53 18.58 2.62
CA PHE B 214 28.21 17.65 3.50
C PHE B 214 29.55 18.22 3.95
N SER B 215 29.92 17.88 5.18
CA SER B 215 31.22 18.27 5.71
C SER B 215 32.33 17.44 5.09
N THR B 216 33.54 18.00 5.11
CA THR B 216 34.68 17.32 4.50
C THR B 216 34.98 15.99 5.19
N GLU B 217 34.93 15.97 6.53
CA GLU B 217 35.28 14.75 7.25
C GLU B 217 34.24 13.65 7.04
N LYS B 218 32.97 14.03 6.97
CA LYS B 218 31.89 13.06 6.81
C LYS B 218 31.54 12.77 5.36
N LEU B 219 32.19 13.44 4.41
CA LEU B 219 31.84 13.26 3.00
C LEU B 219 32.14 11.83 2.55
N LEU B 220 33.35 11.33 2.85
CA LEU B 220 33.71 9.99 2.44
C LEU B 220 32.81 8.95 3.10
N GLN B 221 32.47 9.16 4.38
CA GLN B 221 31.60 8.21 5.07
C GLN B 221 30.20 8.20 4.48
N ARG B 222 29.66 9.37 4.17
CA ARG B 222 28.29 9.46 3.67
C ARG B 222 28.17 9.09 2.20
N ILE B 223 29.26 9.13 1.43
CA ILE B 223 29.19 8.71 0.04
C ILE B 223 28.83 7.24 -0.05
N LYS B 224 29.42 6.41 0.82
CA LYS B 224 29.12 4.98 0.80
C LYS B 224 27.71 4.69 1.28
N GLU B 225 27.05 5.65 1.94
CA GLU B 225 25.77 5.40 2.59
C GLU B 225 24.59 6.00 1.84
N ILE B 226 24.60 7.31 1.56
CA ILE B 226 23.44 7.97 1.00
C ILE B 226 23.48 8.09 -0.52
N LEU B 227 24.67 8.07 -1.12
CA LEU B 227 24.75 8.12 -2.57
C LEU B 227 24.03 6.97 -3.27
N PRO B 228 24.13 5.71 -2.82
CA PRO B 228 23.39 4.64 -3.52
C PRO B 228 21.89 4.88 -3.60
N GLN B 229 21.26 5.39 -2.56
CA GLN B 229 19.81 5.56 -2.61
C GLN B 229 19.40 6.67 -3.56
N TYR B 230 20.14 7.78 -3.60
CA TYR B 230 19.83 8.84 -4.56
C TYR B 230 20.11 8.40 -5.99
N VAL B 231 21.20 7.64 -6.21
CA VAL B 231 21.48 7.11 -7.54
C VAL B 231 20.38 6.16 -7.98
N SER B 232 19.92 5.30 -7.07
CA SER B 232 18.82 4.39 -7.40
C SER B 232 17.56 5.17 -7.73
N ALA B 233 17.25 6.19 -6.94
CA ALA B 233 16.05 6.99 -7.19
C ALA B 233 16.11 7.68 -8.54
N PHE B 234 17.25 8.27 -8.89
CA PHE B 234 17.39 8.92 -10.18
C PHE B 234 17.30 7.92 -11.32
N ALA B 235 18.02 6.80 -11.21
CA ALA B 235 18.00 5.80 -12.28
C ALA B 235 16.62 5.16 -12.42
N ASN B 236 15.81 5.19 -11.34
CA ASN B 236 14.48 4.60 -11.41
C ASN B 236 13.43 5.57 -11.92
N THR B 237 13.56 6.87 -11.64
CA THR B 237 12.49 7.77 -12.07
C THR B 237 12.76 8.43 -13.42
N ASP B 238 13.75 9.34 -13.48
CA ASP B 238 14.04 9.95 -14.77
C ASP B 238 15.51 10.34 -14.94
N GLY B 239 16.43 9.81 -14.14
CA GLY B 239 17.77 10.37 -14.10
C GLY B 239 17.75 11.74 -13.45
N GLY B 240 18.93 12.31 -13.28
CA GLY B 240 19.01 13.65 -12.71
C GLY B 240 20.43 14.04 -12.36
N TYR B 241 20.54 15.10 -11.59
CA TYR B 241 21.81 15.67 -11.16
C TYR B 241 21.84 15.79 -9.65
N LEU B 242 22.93 15.34 -9.04
CA LEU B 242 23.16 15.48 -7.61
C LEU B 242 24.34 16.42 -7.41
N PHE B 243 24.12 17.47 -6.63
CA PHE B 243 25.15 18.48 -6.39
C PHE B 243 25.50 18.49 -4.91
N ILE B 244 26.78 18.24 -4.60
CA ILE B 244 27.29 18.24 -3.24
C ILE B 244 28.26 19.40 -3.10
N GLY B 245 28.00 20.27 -2.13
CA GLY B 245 28.83 21.44 -1.91
C GLY B 245 28.05 22.74 -1.92
N LEU B 246 26.73 22.66 -1.79
CA LEU B 246 25.85 23.82 -1.81
C LEU B 246 25.02 23.84 -0.53
N ASN B 247 24.95 24.99 0.11
CA ASN B 247 24.27 25.11 1.40
C ASN B 247 22.76 25.15 1.19
N GLU B 248 22.02 25.44 2.27
CA GLU B 248 20.56 25.45 2.20
C GLU B 248 20.04 26.55 1.29
N ASP B 249 20.68 27.72 1.32
CA ASP B 249 20.24 28.87 0.53
C ASP B 249 20.75 28.83 -0.90
N LYS B 250 21.17 27.66 -1.39
CA LYS B 250 21.62 27.45 -2.76
C LYS B 250 22.87 28.28 -3.09
N GLU B 251 23.64 28.65 -2.08
CA GLU B 251 24.90 29.36 -2.29
C GLU B 251 26.03 28.37 -2.44
N ILE B 252 26.91 28.62 -3.41
CA ILE B 252 28.01 27.70 -3.70
C ILE B 252 29.06 27.84 -2.60
N ILE B 253 29.26 26.77 -1.83
CA ILE B 253 30.26 26.73 -0.76
C ILE B 253 31.37 25.75 -1.09
N GLY B 254 31.02 24.50 -1.37
CA GLY B 254 32.01 23.49 -1.69
C GLY B 254 32.70 22.95 -0.45
N PHE B 255 33.59 21.98 -0.69
CA PHE B 255 34.39 21.37 0.37
C PHE B 255 35.85 21.43 -0.03
N LYS B 256 36.71 21.73 0.94
CA LYS B 256 38.14 21.81 0.69
C LYS B 256 38.74 20.41 0.59
N ALA B 257 39.50 20.18 -0.47
CA ALA B 257 40.12 18.88 -0.68
C ALA B 257 41.30 19.07 -1.63
N GLU B 258 42.19 18.08 -1.61
CA GLU B 258 43.34 18.04 -2.50
C GLU B 258 43.05 17.16 -3.71
N MET B 259 43.99 17.16 -4.66
CA MET B 259 43.83 16.33 -5.85
C MET B 259 43.79 14.86 -5.49
N SER B 260 44.64 14.43 -4.55
CA SER B 260 44.59 13.05 -4.08
C SER B 260 43.26 12.75 -3.41
N ASP B 261 42.73 13.70 -2.65
CA ASP B 261 41.41 13.52 -2.04
C ASP B 261 40.34 13.41 -3.12
N LEU B 262 40.44 14.21 -4.18
CA LEU B 262 39.47 14.11 -5.27
C LEU B 262 39.54 12.75 -5.94
N ASP B 263 40.76 12.24 -6.18
CA ASP B 263 40.89 10.92 -6.80
C ASP B 263 40.31 9.84 -5.90
N ASP B 264 40.58 9.90 -4.60
CA ASP B 264 40.04 8.92 -3.67
C ASP B 264 38.52 8.98 -3.63
N LEU B 265 37.96 10.19 -3.61
CA LEU B 265 36.50 10.34 -3.61
C LEU B 265 35.89 9.80 -4.89
N GLU B 266 36.52 10.06 -6.04
CA GLU B 266 36.01 9.54 -7.29
C GLU B 266 36.06 8.01 -7.31
N ARG B 267 37.14 7.42 -6.80
CA ARG B 267 37.23 5.97 -6.72
C ARG B 267 36.14 5.42 -5.80
N GLU B 268 35.91 6.07 -4.66
CA GLU B 268 34.87 5.60 -3.74
C GLU B 268 33.49 5.68 -4.39
N ILE B 269 33.22 6.77 -5.11
CA ILE B 269 31.94 6.90 -5.81
C ILE B 269 31.78 5.80 -6.84
N GLU B 270 32.83 5.53 -7.61
CA GLU B 270 32.76 4.48 -8.62
C GLU B 270 32.51 3.12 -7.98
N LYS B 271 33.21 2.81 -6.90
CA LYS B 271 33.01 1.54 -6.22
C LYS B 271 31.60 1.43 -5.65
N SER B 272 31.09 2.51 -5.06
CA SER B 272 29.75 2.48 -4.49
C SER B 272 28.69 2.27 -5.57
N ILE B 273 28.87 2.92 -6.72
CA ILE B 273 27.89 2.78 -7.80
C ILE B 273 27.96 1.39 -8.40
N ARG B 274 29.17 0.86 -8.60
CA ARG B 274 29.30 -0.48 -9.18
C ARG B 274 28.86 -1.57 -8.21
N LYS B 275 28.85 -1.29 -6.92
CA LYS B 275 28.38 -2.26 -5.93
C LYS B 275 26.86 -2.39 -5.92
N MET B 276 26.15 -1.41 -6.47
CA MET B 276 24.69 -1.42 -6.40
C MET B 276 24.11 -2.55 -7.22
N PRO B 277 23.22 -3.37 -6.66
CA PRO B 277 22.59 -4.44 -7.44
C PRO B 277 21.73 -3.87 -8.56
N VAL B 278 21.72 -4.56 -9.69
CA VAL B 278 20.94 -4.17 -10.86
C VAL B 278 20.28 -5.42 -11.43
N HIS B 279 18.98 -5.35 -11.70
CA HIS B 279 18.25 -6.41 -12.36
C HIS B 279 17.73 -5.90 -13.69
N HIS B 280 17.92 -6.69 -14.75
CA HIS B 280 17.53 -6.30 -16.10
C HIS B 280 16.39 -7.17 -16.60
N PHE B 281 15.34 -6.52 -17.10
CA PHE B 281 14.24 -7.22 -17.77
C PHE B 281 14.37 -7.16 -19.29
N CYS B 282 15.42 -6.55 -19.81
CA CYS B 282 15.60 -6.38 -21.24
C CYS B 282 16.63 -7.37 -21.78
N MET B 283 16.72 -7.43 -23.11
CA MET B 283 17.67 -8.34 -23.75
C MET B 283 19.10 -7.83 -23.68
N GLU B 284 19.30 -6.51 -23.76
CA GLU B 284 20.63 -5.92 -23.77
C GLU B 284 20.97 -5.41 -22.38
N LYS B 285 21.82 -6.15 -21.67
CA LYS B 285 22.25 -5.73 -20.35
C LYS B 285 23.09 -4.46 -20.43
N LYS B 286 22.84 -3.53 -19.52
CA LYS B 286 23.50 -2.24 -19.51
C LYS B 286 23.97 -1.91 -18.10
N LYS B 287 25.03 -1.10 -18.03
CA LYS B 287 25.54 -0.60 -16.76
C LYS B 287 24.83 0.70 -16.40
N ILE B 288 25.06 1.15 -15.16
CA ILE B 288 24.52 2.43 -14.71
C ILE B 288 25.35 3.53 -15.36
N ASN B 289 24.72 4.32 -16.23
CA ASN B 289 25.41 5.40 -16.92
C ASN B 289 25.44 6.63 -16.01
N TYR B 290 26.61 6.93 -15.48
CA TYR B 290 26.80 8.07 -14.60
C TYR B 290 28.05 8.83 -14.98
N SER B 291 28.06 10.12 -14.67
CA SER B 291 29.20 10.99 -14.93
C SER B 291 29.47 11.81 -13.67
N CYS B 292 30.69 11.70 -13.15
CA CYS B 292 31.10 12.43 -11.95
C CYS B 292 32.08 13.53 -12.34
N LYS B 293 31.83 14.74 -11.85
CA LYS B 293 32.66 15.89 -12.19
C LYS B 293 32.92 16.69 -10.93
N PHE B 294 34.10 17.32 -10.88
CA PHE B 294 34.48 18.18 -9.77
C PHE B 294 34.73 19.58 -10.31
N LEU B 295 33.99 20.55 -9.78
CA LEU B 295 34.06 21.93 -10.23
C LEU B 295 34.77 22.76 -9.16
N GLY B 296 35.85 23.42 -9.55
CA GLY B 296 36.55 24.27 -8.61
C GLY B 296 35.74 25.51 -8.27
N VAL B 297 35.91 25.99 -7.04
CA VAL B 297 35.23 27.17 -6.55
C VAL B 297 36.29 28.22 -6.26
N TYR B 298 36.19 29.38 -6.92
CA TYR B 298 37.17 30.43 -6.82
C TYR B 298 36.59 31.61 -6.06
N ASP B 299 37.29 32.05 -5.02
CA ASP B 299 36.89 33.20 -4.22
C ASP B 299 38.04 34.20 -4.20
N LYS B 300 37.79 35.39 -4.73
CA LYS B 300 38.80 36.46 -4.80
C LYS B 300 40.07 35.98 -5.50
N GLY B 301 39.90 35.22 -6.57
CA GLY B 301 41.03 34.75 -7.36
C GLY B 301 41.78 33.59 -6.76
N SER B 302 41.24 32.93 -5.75
CA SER B 302 41.88 31.78 -5.12
C SER B 302 40.89 30.63 -5.00
N LEU B 303 41.41 29.42 -5.10
CA LEU B 303 40.58 28.22 -5.08
C LEU B 303 40.14 27.91 -3.66
N CYS B 304 38.83 27.99 -3.41
CA CYS B 304 38.31 27.69 -2.08
C CYS B 304 38.11 26.19 -1.88
N GLY B 305 37.29 25.58 -2.71
CA GLY B 305 37.02 24.17 -2.59
C GLY B 305 36.53 23.59 -3.91
N TYR B 306 35.83 22.46 -3.80
CA TYR B 306 35.29 21.78 -4.96
C TYR B 306 33.83 21.42 -4.73
N VAL B 307 33.08 21.38 -5.82
CA VAL B 307 31.68 20.95 -5.82
C VAL B 307 31.58 19.69 -6.65
N CYS B 308 30.94 18.66 -6.09
CA CYS B 308 30.80 17.37 -6.76
C CYS B 308 29.46 17.34 -7.48
N ALA B 309 29.49 17.15 -8.80
CA ALA B 309 28.29 17.07 -9.62
C ALA B 309 28.22 15.69 -10.23
N LEU B 310 27.14 14.97 -9.95
CA LEU B 310 26.95 13.60 -10.43
C LEU B 310 25.70 13.56 -11.29
N ARG B 311 25.87 13.25 -12.57
CA ARG B 311 24.75 13.13 -13.50
C ARG B 311 24.46 11.64 -13.69
N VAL B 312 23.25 11.23 -13.33
CA VAL B 312 22.81 9.84 -13.45
C VAL B 312 21.78 9.78 -14.57
N GLU B 313 22.09 9.00 -15.61
CA GLU B 313 21.17 8.84 -16.71
C GLU B 313 20.01 7.93 -16.32
N ARG B 314 18.90 8.08 -17.04
CA ARG B 314 17.75 7.21 -16.83
C ARG B 314 18.12 5.77 -17.17
N PHE B 315 17.74 4.85 -16.29
CA PHE B 315 18.09 3.44 -16.44
C PHE B 315 16.94 2.67 -17.06
N CYS B 316 17.29 1.60 -17.78
CA CYS B 316 16.29 0.82 -18.50
C CYS B 316 15.47 -0.07 -17.59
N CYS B 317 16.02 -0.50 -16.45
CA CYS B 317 15.39 -1.48 -15.60
C CYS B 317 15.58 -1.08 -14.14
N ALA B 318 15.33 -2.02 -13.24
CA ALA B 318 15.37 -1.76 -11.81
C ALA B 318 16.81 -1.52 -11.35
N VAL B 319 17.00 -0.54 -10.48
CA VAL B 319 18.27 -0.29 -9.83
C VAL B 319 18.05 -0.35 -8.32
N PHE B 320 18.84 -1.17 -7.64
CA PHE B 320 18.73 -1.37 -6.20
C PHE B 320 19.84 -0.62 -5.49
N ALA B 321 19.48 0.04 -4.38
CA ALA B 321 20.50 0.62 -3.51
C ALA B 321 21.23 -0.48 -2.75
N LYS B 322 20.50 -1.49 -2.29
CA LYS B 322 21.07 -2.68 -1.68
C LYS B 322 20.24 -3.86 -2.14
N GLU B 323 20.67 -5.06 -1.75
CA GLU B 323 19.87 -6.24 -2.03
C GLU B 323 18.54 -6.14 -1.31
N PRO B 324 17.44 -6.59 -1.92
CA PRO B 324 16.13 -6.50 -1.26
C PRO B 324 16.14 -7.25 0.07
N ASP B 325 15.53 -6.63 1.09
CA ASP B 325 15.57 -7.13 2.45
C ASP B 325 14.39 -8.06 2.71
N SER B 326 14.45 -9.23 2.07
CA SER B 326 13.46 -10.27 2.26
C SER B 326 14.15 -11.55 2.71
N TRP B 327 13.54 -12.24 3.67
CA TRP B 327 14.17 -13.38 4.31
C TRP B 327 13.22 -14.58 4.30
N HIS B 328 13.81 -15.76 4.43
CA HIS B 328 13.06 -17.00 4.56
C HIS B 328 13.92 -18.01 5.32
N VAL B 329 13.39 -19.20 5.51
CA VAL B 329 14.08 -20.27 6.21
C VAL B 329 14.24 -21.44 5.25
N LYS B 330 15.50 -21.80 4.98
CA LYS B 330 15.81 -22.93 4.12
C LYS B 330 16.90 -23.76 4.77
N ASP B 331 16.72 -25.08 4.78
CA ASP B 331 17.68 -26.01 5.36
C ASP B 331 17.99 -25.66 6.81
N ASN B 332 16.95 -25.28 7.55
CA ASN B 332 17.06 -24.88 8.95
C ASN B 332 18.02 -23.72 9.15
N ARG B 333 18.10 -22.83 8.15
CA ARG B 333 18.92 -21.64 8.23
C ARG B 333 18.12 -20.44 7.74
N VAL B 334 18.22 -19.33 8.46
CA VAL B 334 17.55 -18.09 8.07
C VAL B 334 18.41 -17.41 7.01
N MET B 335 17.92 -17.41 5.77
CA MET B 335 18.66 -16.88 4.64
C MET B 335 17.89 -15.73 4.00
N GLN B 336 18.62 -14.68 3.65
CA GLN B 336 18.03 -13.58 2.89
C GLN B 336 17.80 -14.02 1.45
N LEU B 337 16.62 -13.70 0.92
CA LEU B 337 16.30 -14.06 -0.45
C LEU B 337 17.25 -13.36 -1.41
N THR B 338 17.76 -14.10 -2.38
CA THR B 338 18.60 -13.51 -3.41
C THR B 338 17.75 -12.60 -4.30
N ARG B 339 18.45 -11.72 -5.02
CA ARG B 339 17.75 -10.75 -5.87
C ARG B 339 16.91 -11.45 -6.92
N LYS B 340 17.44 -12.51 -7.54
CA LYS B 340 16.68 -13.23 -8.55
C LYS B 340 15.42 -13.86 -7.96
N GLU B 341 15.54 -14.49 -6.79
CA GLU B 341 14.38 -15.11 -6.16
C GLU B 341 13.34 -14.06 -5.76
N TRP B 342 13.79 -12.93 -5.21
CA TRP B 342 12.87 -11.87 -4.84
C TRP B 342 12.14 -11.33 -6.06
N ILE B 343 12.87 -11.11 -7.16
CA ILE B 343 12.25 -10.62 -8.38
C ILE B 343 11.23 -11.63 -8.90
N GLN B 344 11.59 -12.92 -8.87
CA GLN B 344 10.67 -13.95 -9.33
C GLN B 344 9.39 -13.96 -8.49
N PHE B 345 9.52 -13.83 -7.18
CA PHE B 345 8.34 -13.77 -6.31
C PHE B 345 7.50 -12.54 -6.62
N MET B 346 8.13 -11.40 -6.87
CA MET B 346 7.38 -10.17 -7.07
C MET B 346 6.65 -10.17 -8.41
N VAL B 347 7.35 -10.54 -9.50
CA VAL B 347 6.80 -10.32 -10.83
C VAL B 347 6.04 -11.51 -11.39
N GLU B 348 6.25 -12.72 -10.88
CA GLU B 348 5.61 -13.91 -11.41
C GLU B 348 4.40 -14.27 -10.55
N ALA B 349 3.26 -14.48 -11.19
CA ALA B 349 2.04 -14.83 -10.50
C ALA B 349 2.04 -16.31 -10.10
N GLU B 350 1.11 -16.67 -9.24
CA GLU B 350 0.98 -18.04 -8.76
C GLU B 350 0.61 -18.99 -9.90
N ARG B 392 -20.87 -38.46 12.03
CA ARG B 392 -19.94 -39.49 12.48
C ARG B 392 -18.50 -39.15 12.08
N ILE B 393 -17.68 -40.17 11.92
CA ILE B 393 -16.27 -40.02 11.57
C ILE B 393 -16.02 -40.71 10.24
N THR B 394 -15.39 -40.00 9.31
CA THR B 394 -15.10 -40.52 7.98
C THR B 394 -13.74 -41.19 8.00
N TYR B 395 -13.69 -42.45 7.59
CA TYR B 395 -12.45 -43.23 7.55
C TYR B 395 -12.09 -43.49 6.09
N THR B 396 -11.06 -42.79 5.60
CA THR B 396 -10.61 -42.91 4.23
C THR B 396 -9.10 -43.05 4.20
N PRO B 397 -8.56 -43.80 3.22
CA PRO B 397 -9.29 -44.58 2.22
C PRO B 397 -9.87 -45.87 2.79
N GLU B 398 -10.96 -46.36 2.19
CA GLU B 398 -11.66 -47.51 2.73
C GLU B 398 -10.78 -48.76 2.70
N ASN B 399 -10.09 -48.99 1.59
CA ASN B 399 -9.29 -50.21 1.45
C ASN B 399 -8.16 -50.25 2.47
N LEU B 400 -7.43 -49.13 2.61
CA LEU B 400 -6.32 -49.10 3.56
C LEU B 400 -6.81 -49.23 4.99
N CYS B 401 -7.93 -48.57 5.32
CA CYS B 401 -8.48 -48.69 6.67
C CYS B 401 -8.88 -50.14 6.97
N ARG B 402 -9.54 -50.80 6.01
CA ARG B 402 -9.92 -52.19 6.22
C ARG B 402 -8.70 -53.08 6.39
N LYS B 403 -7.66 -52.88 5.56
CA LYS B 403 -6.46 -53.69 5.68
C LYS B 403 -5.78 -53.48 7.02
N LEU B 404 -5.67 -52.23 7.47
CA LEU B 404 -5.03 -51.96 8.74
C LEU B 404 -5.84 -52.55 9.90
N PHE B 405 -7.17 -52.46 9.84
CA PHE B 405 -7.98 -52.99 10.92
C PHE B 405 -7.96 -54.52 10.94
N LEU B 406 -7.89 -55.17 9.78
CA LEU B 406 -7.85 -56.62 9.76
C LEU B 406 -6.48 -57.15 10.19
N GLN B 407 -5.40 -56.51 9.74
CA GLN B 407 -4.06 -56.96 10.12
C GLN B 407 -3.81 -56.77 11.61
N HIS B 408 -4.28 -55.67 12.18
CA HIS B 408 -4.04 -55.34 13.58
C HIS B 408 -5.39 -55.12 14.26
N GLU B 409 -5.76 -56.03 15.16
CA GLU B 409 -7.06 -55.94 15.82
C GLU B 409 -7.09 -54.82 16.86
N GLY B 410 -6.01 -54.67 17.63
CA GLY B 410 -5.96 -53.62 18.64
C GLY B 410 -5.97 -52.22 18.08
N LEU B 411 -5.54 -52.05 16.83
CA LEU B 411 -5.56 -50.72 16.22
C LEU B 411 -6.98 -50.19 16.08
N LYS B 412 -7.92 -51.04 15.69
CA LYS B 412 -9.31 -50.62 15.57
C LYS B 412 -9.88 -50.21 16.92
N GLN B 413 -9.59 -50.99 17.96
CA GLN B 413 -10.07 -50.64 19.30
C GLN B 413 -9.47 -49.32 19.77
N LEU B 414 -8.17 -49.12 19.53
CA LEU B 414 -7.55 -47.86 19.91
C LEU B 414 -8.16 -46.68 19.16
N ILE B 415 -8.42 -46.85 17.86
CA ILE B 415 -9.03 -45.79 17.08
C ILE B 415 -10.42 -45.47 17.60
N CYS B 416 -11.21 -46.50 17.92
CA CYS B 416 -12.55 -46.27 18.46
C CYS B 416 -12.48 -45.53 19.79
N GLU B 417 -11.55 -45.93 20.67
CA GLU B 417 -11.42 -45.26 21.96
C GLU B 417 -11.02 -43.80 21.79
N GLU B 418 -10.10 -43.53 20.85
CA GLU B 418 -9.68 -42.15 20.62
C GLU B 418 -10.80 -41.32 20.03
N MET B 419 -11.59 -41.89 19.12
CA MET B 419 -12.61 -41.14 18.41
C MET B 419 -13.94 -41.06 19.15
N ASP B 420 -14.10 -41.81 20.25
CA ASP B 420 -15.32 -41.68 21.04
C ASP B 420 -15.51 -40.29 21.60
N SER B 421 -14.43 -39.52 21.77
CA SER B 421 -14.51 -38.18 22.33
C SER B 421 -14.63 -37.09 21.27
N VAL B 422 -14.73 -37.45 20.00
CA VAL B 422 -14.80 -36.50 18.90
C VAL B 422 -16.24 -36.39 18.43
N ARG B 423 -16.77 -35.17 18.42
CA ARG B 423 -18.15 -34.95 17.98
C ARG B 423 -18.31 -35.25 16.49
N LYS B 424 -17.44 -34.68 15.67
CA LYS B 424 -17.51 -34.88 14.22
C LYS B 424 -16.17 -34.52 13.61
N GLY B 425 -15.72 -35.35 12.68
CA GLY B 425 -14.43 -35.11 12.04
C GLY B 425 -14.16 -36.16 10.99
N SER B 426 -12.96 -36.07 10.42
CA SER B 426 -12.51 -36.99 9.38
C SER B 426 -11.13 -37.51 9.73
N LEU B 427 -10.94 -38.83 9.60
CA LEU B 427 -9.68 -39.48 9.90
C LEU B 427 -9.15 -40.10 8.61
N ILE B 428 -7.93 -39.71 8.22
CA ILE B 428 -7.31 -40.15 6.98
C ILE B 428 -6.08 -40.97 7.33
N PHE B 429 -6.03 -42.20 6.85
CA PHE B 429 -4.93 -43.11 7.11
C PHE B 429 -3.97 -43.15 5.91
N SER B 430 -2.70 -43.36 6.21
CA SER B 430 -1.68 -43.52 5.18
C SER B 430 -0.62 -44.47 5.69
N ARG B 431 0.08 -45.12 4.75
CA ARG B 431 1.22 -45.94 5.13
C ARG B 431 2.32 -45.09 5.76
N SER B 432 2.57 -43.92 5.19
CA SER B 432 3.54 -42.99 5.75
C SER B 432 3.16 -41.59 5.29
N TRP B 433 2.59 -40.79 6.19
CA TRP B 433 2.25 -39.41 5.85
C TRP B 433 3.50 -38.58 5.55
N SER B 434 4.67 -39.02 5.99
CA SER B 434 5.90 -38.30 5.68
C SER B 434 6.19 -38.33 4.19
N VAL B 435 5.95 -39.47 3.53
CA VAL B 435 6.18 -39.56 2.10
C VAL B 435 5.25 -38.64 1.32
N ASP B 436 3.97 -38.59 1.72
CA ASP B 436 3.01 -37.75 1.02
C ASP B 436 3.36 -36.27 1.10
N LEU B 437 4.14 -35.87 2.11
CA LEU B 437 4.57 -34.49 2.26
C LEU B 437 5.93 -34.23 1.60
N GLY B 438 6.54 -35.24 0.99
CA GLY B 438 7.80 -35.07 0.30
C GLY B 438 9.04 -35.34 1.12
N LEU B 439 8.90 -35.97 2.28
CA LEU B 439 10.03 -36.26 3.14
C LEU B 439 10.46 -37.72 2.98
N GLN B 440 11.47 -38.12 3.73
CA GLN B 440 11.99 -39.47 3.67
C GLN B 440 11.07 -40.44 4.41
N GLU B 441 10.97 -41.66 3.88
CA GLU B 441 10.11 -42.68 4.49
C GLU B 441 10.79 -43.29 5.71
N ASN B 442 9.98 -43.59 6.73
CA ASN B 442 10.43 -44.32 7.91
C ASN B 442 9.72 -45.65 7.92
N HIS B 443 10.47 -46.73 7.69
CA HIS B 443 9.88 -48.06 7.57
C HIS B 443 9.44 -48.64 8.91
N LYS B 444 9.94 -48.10 10.02
CA LYS B 444 9.56 -48.64 11.33
C LYS B 444 8.14 -48.24 11.72
N VAL B 445 7.64 -47.12 11.20
CA VAL B 445 6.29 -46.67 11.49
C VAL B 445 5.30 -47.51 10.71
N LEU B 446 4.35 -48.11 11.44
CA LEU B 446 3.35 -48.97 10.78
C LEU B 446 2.45 -48.15 9.87
N CYS B 447 1.89 -47.06 10.39
CA CYS B 447 1.00 -46.21 9.61
C CYS B 447 0.85 -44.87 10.33
N ASP B 448 0.31 -43.90 9.61
CA ASP B 448 0.02 -42.58 10.16
C ASP B 448 -1.45 -42.25 9.94
N ALA B 449 -2.01 -41.47 10.85
CA ALA B 449 -3.40 -41.06 10.77
C ALA B 449 -3.50 -39.58 11.07
N LEU B 450 -4.22 -38.86 10.21
CA LEU B 450 -4.46 -37.43 10.38
C LEU B 450 -5.93 -37.22 10.70
N LEU B 451 -6.21 -36.55 11.81
CA LEU B 451 -7.57 -36.28 12.27
C LEU B 451 -7.86 -34.80 12.10
N ILE B 452 -8.91 -34.48 11.37
CA ILE B 452 -9.35 -33.11 11.16
C ILE B 452 -10.75 -32.97 11.75
N SER B 453 -10.87 -32.14 12.78
CA SER B 453 -12.14 -31.90 13.46
C SER B 453 -12.34 -30.41 13.65
N GLN B 454 -13.60 -30.02 13.81
CA GLN B 454 -13.91 -28.60 13.96
C GLN B 454 -13.58 -28.07 15.34
N ASP B 455 -13.75 -28.89 16.38
CA ASP B 455 -13.52 -28.42 17.75
C ASP B 455 -12.07 -28.50 18.19
N SER B 456 -11.20 -29.17 17.43
CA SER B 456 -9.82 -29.36 17.84
C SER B 456 -8.89 -29.10 16.65
N PRO B 457 -7.65 -28.73 16.91
CA PRO B 457 -6.67 -28.59 15.82
C PRO B 457 -6.34 -29.95 15.22
N PRO B 458 -5.80 -29.98 14.00
CA PRO B 458 -5.47 -31.26 13.39
C PRO B 458 -4.48 -32.05 14.24
N VAL B 459 -4.69 -33.36 14.30
CA VAL B 459 -3.86 -34.26 15.11
C VAL B 459 -3.35 -35.37 14.20
N LEU B 460 -2.03 -35.60 14.25
CA LEU B 460 -1.39 -36.66 13.50
C LEU B 460 -1.10 -37.82 14.43
N TYR B 461 -1.64 -38.99 14.11
CA TYR B 461 -1.46 -40.20 14.91
C TYR B 461 -0.39 -41.07 14.26
N THR B 462 0.70 -41.29 14.96
CA THR B 462 1.75 -42.20 14.53
C THR B 462 1.65 -43.48 15.34
N PHE B 463 1.77 -44.62 14.66
CA PHE B 463 1.71 -45.93 15.29
C PHE B 463 2.98 -46.70 14.97
N HIS B 464 3.58 -47.33 15.99
CA HIS B 464 4.80 -48.08 15.77
C HIS B 464 4.76 -49.38 16.58
N MET B 465 5.50 -50.38 16.08
CA MET B 465 5.60 -51.67 16.72
C MET B 465 6.89 -51.84 17.52
N VAL B 466 7.74 -50.83 17.56
CA VAL B 466 9.05 -50.91 18.21
C VAL B 466 8.93 -50.33 19.60
N GLN B 467 9.19 -51.15 20.62
CA GLN B 467 9.00 -50.73 22.01
C GLN B 467 10.13 -49.84 22.51
N ASP B 468 11.36 -50.09 22.06
CA ASP B 468 12.53 -49.44 22.63
C ASP B 468 13.03 -48.26 21.80
N GLU B 469 12.26 -47.79 20.83
CA GLU B 469 12.66 -46.68 19.98
C GLU B 469 11.64 -45.54 20.10
N GLU B 470 12.15 -44.32 20.00
CA GLU B 470 11.33 -43.12 20.13
C GLU B 470 11.17 -42.47 18.76
N PHE B 471 9.93 -42.11 18.42
CA PHE B 471 9.61 -41.51 17.13
C PHE B 471 9.15 -40.06 17.28
N LYS B 472 9.61 -39.37 18.33
CA LYS B 472 9.19 -37.99 18.55
C LYS B 472 9.67 -37.08 17.43
N GLY B 473 10.93 -37.21 17.01
CA GLY B 473 11.46 -36.35 15.98
C GLY B 473 10.78 -36.52 14.64
N TYR B 474 10.54 -37.78 14.25
CA TYR B 474 9.88 -38.06 12.98
C TYR B 474 8.48 -37.46 12.95
N SER B 475 7.71 -37.68 14.03
CA SER B 475 6.35 -37.14 14.08
C SER B 475 6.35 -35.62 14.10
N THR B 476 7.28 -35.02 14.85
CA THR B 476 7.35 -33.56 14.90
C THR B 476 7.68 -32.98 13.53
N GLN B 477 8.65 -33.58 12.83
CA GLN B 477 9.00 -33.10 11.50
C GLN B 477 7.84 -33.27 10.52
N THR B 478 7.14 -34.40 10.59
CA THR B 478 6.00 -34.61 9.71
C THR B 478 4.90 -33.59 9.98
N ALA B 479 4.62 -33.30 11.26
CA ALA B 479 3.61 -32.31 11.59
C ALA B 479 4.02 -30.92 11.12
N LEU B 480 5.30 -30.57 11.29
CA LEU B 480 5.79 -29.28 10.82
C LEU B 480 5.62 -29.15 9.32
N THR B 481 6.01 -30.18 8.57
CA THR B 481 5.88 -30.15 7.13
C THR B 481 4.42 -30.07 6.71
N LEU B 482 3.55 -30.81 7.40
CA LEU B 482 2.12 -30.75 7.07
C LEU B 482 1.56 -29.35 7.31
N LYS B 483 1.93 -28.71 8.42
CA LYS B 483 1.47 -27.36 8.68
C LYS B 483 1.96 -26.40 7.61
N GLN B 484 3.24 -26.51 7.23
CA GLN B 484 3.77 -25.62 6.20
C GLN B 484 3.07 -25.82 4.86
N LYS B 485 2.81 -27.09 4.49
CA LYS B 485 2.13 -27.36 3.22
C LYS B 485 0.70 -26.85 3.25
N LEU B 486 0.00 -27.02 4.37
CA LEU B 486 -1.36 -26.49 4.48
C LEU B 486 -1.36 -24.97 4.37
N ALA B 487 -0.40 -24.31 5.01
CA ALA B 487 -0.39 -22.86 5.02
C ALA B 487 -0.05 -22.28 3.65
N LYS B 488 0.98 -22.80 3.00
CA LYS B 488 1.47 -22.23 1.75
C LYS B 488 0.86 -22.90 0.53
N ILE B 489 1.11 -24.20 0.36
CA ILE B 489 0.60 -24.91 -0.80
C ILE B 489 -0.91 -25.13 -0.68
N GLY B 490 -1.37 -25.47 0.52
CA GLY B 490 -2.79 -25.76 0.69
C GLY B 490 -3.68 -24.54 0.48
N GLY B 491 -3.20 -23.37 0.90
CA GLY B 491 -3.97 -22.15 0.79
C GLY B 491 -4.79 -21.82 2.01
N TYR B 492 -4.60 -22.53 3.12
CA TYR B 492 -5.32 -22.21 4.35
C TYR B 492 -4.88 -20.85 4.86
N THR B 493 -5.86 -19.99 5.16
CA THR B 493 -5.60 -18.59 5.49
C THR B 493 -5.83 -18.27 6.95
N LYS B 494 -6.05 -19.27 7.80
CA LYS B 494 -6.28 -19.05 9.21
C LYS B 494 -5.14 -19.67 10.02
N LYS B 495 -5.07 -19.30 11.29
CA LYS B 495 -4.04 -19.82 12.17
C LYS B 495 -4.29 -21.30 12.43
N VAL B 496 -3.27 -22.12 12.17
CA VAL B 496 -3.38 -23.57 12.26
C VAL B 496 -2.16 -24.12 12.99
N CYS B 497 -2.39 -25.10 13.87
CA CYS B 497 -1.32 -25.84 14.50
C CYS B 497 -1.65 -27.33 14.42
N VAL B 498 -0.62 -28.16 14.38
CA VAL B 498 -0.78 -29.60 14.25
C VAL B 498 -0.20 -30.26 15.49
N MET B 499 -1.03 -31.03 16.20
CA MET B 499 -0.59 -31.81 17.33
C MET B 499 -0.22 -33.22 16.88
N THR B 500 0.50 -33.94 17.73
CA THR B 500 0.94 -35.29 17.42
C THR B 500 0.64 -36.21 18.59
N LYS B 501 0.25 -37.44 18.28
CA LYS B 501 0.08 -38.50 19.27
C LYS B 501 0.76 -39.76 18.76
N ILE B 502 1.61 -40.36 19.59
CA ILE B 502 2.39 -41.53 19.22
C ILE B 502 1.91 -42.71 20.05
N PHE B 503 1.66 -43.83 19.38
CA PHE B 503 1.16 -45.03 20.03
C PHE B 503 2.03 -46.23 19.67
N TYR B 504 2.17 -47.14 20.63
CA TYR B 504 2.87 -48.40 20.44
C TYR B 504 1.84 -49.52 20.38
N LEU B 505 1.88 -50.29 19.30
CA LEU B 505 0.96 -51.41 19.10
C LEU B 505 1.67 -52.70 19.46
N SER B 506 1.37 -53.23 20.65
CA SER B 506 1.97 -54.49 21.07
C SER B 506 1.42 -55.64 20.23
N PRO B 507 2.22 -56.68 20.00
CA PRO B 507 1.71 -57.83 19.24
C PRO B 507 0.51 -58.49 19.89
N GLU B 508 0.38 -58.42 21.21
CA GLU B 508 -0.75 -58.98 21.91
C GLU B 508 -1.97 -58.05 21.92
N GLY B 509 -1.84 -56.85 21.36
CA GLY B 509 -2.96 -55.94 21.27
C GLY B 509 -3.00 -54.81 22.30
N MET B 510 -1.95 -54.66 23.11
CA MET B 510 -1.92 -53.60 24.10
C MET B 510 -1.47 -52.29 23.46
N THR B 511 -2.18 -51.21 23.74
CA THR B 511 -1.91 -49.91 23.16
C THR B 511 -1.55 -48.94 24.28
N SER B 512 -0.48 -48.18 24.09
CA SER B 512 -0.04 -47.18 25.05
C SER B 512 0.32 -45.90 24.31
N CYS B 513 -0.03 -44.76 24.93
CA CYS B 513 0.25 -43.45 24.35
C CYS B 513 1.61 -42.98 24.85
N GLN B 514 2.64 -43.19 24.03
CA GLN B 514 4.00 -42.83 24.44
C GLN B 514 4.18 -41.31 24.49
N TYR B 515 3.67 -40.60 23.50
CA TYR B 515 3.88 -39.15 23.42
C TYR B 515 2.58 -38.46 23.03
N ASP B 516 2.23 -37.42 23.78
CA ASP B 516 1.05 -36.60 23.51
C ASP B 516 1.51 -35.15 23.44
N LEU B 517 1.50 -34.58 22.23
CA LEU B 517 2.03 -33.24 22.04
C LEU B 517 1.15 -32.18 22.69
N ARG B 518 -0.18 -32.37 22.65
CA ARG B 518 -1.09 -31.34 23.13
C ARG B 518 -0.90 -31.05 24.61
N SER B 519 -0.59 -32.07 25.40
CA SER B 519 -0.41 -31.88 26.84
C SER B 519 0.93 -31.26 27.20
N GLN B 520 1.85 -31.12 26.24
CA GLN B 520 3.18 -30.61 26.53
C GLN B 520 3.46 -29.24 25.95
N VAL B 521 2.65 -28.76 25.00
CA VAL B 521 2.83 -27.44 24.42
C VAL B 521 1.52 -26.67 24.55
N ILE B 522 1.64 -25.34 24.55
CA ILE B 522 0.49 -24.46 24.71
C ILE B 522 0.50 -23.42 23.59
N TYR B 523 -0.67 -23.16 23.04
CA TYR B 523 -0.87 -22.22 21.95
C TYR B 523 -1.91 -21.18 22.35
N PRO B 524 -1.94 -20.03 21.68
CA PRO B 524 -3.07 -19.12 21.85
C PRO B 524 -4.36 -19.78 21.43
N GLU B 525 -5.47 -19.35 22.04
CA GLU B 525 -6.74 -20.01 21.84
C GLU B 525 -7.16 -20.04 20.38
N SER B 526 -6.73 -19.04 19.60
CA SER B 526 -7.10 -18.98 18.18
C SER B 526 -6.63 -20.20 17.42
N TYR B 527 -5.55 -20.84 17.88
CA TYR B 527 -5.04 -22.03 17.22
C TYR B 527 -5.81 -23.30 17.55
N TYR B 528 -6.66 -23.27 18.58
CA TYR B 528 -7.39 -24.47 18.99
C TYR B 528 -8.74 -24.63 18.31
N PHE B 529 -9.15 -23.66 17.50
CA PHE B 529 -10.41 -23.75 16.77
C PHE B 529 -10.12 -23.58 15.28
N THR B 530 -10.50 -24.59 14.50
CA THR B 530 -10.19 -24.61 13.07
C THR B 530 -11.47 -24.87 12.29
N ARG B 531 -11.45 -24.44 11.03
CA ARG B 531 -12.58 -24.61 10.12
C ARG B 531 -12.39 -25.93 9.38
N ARG B 532 -13.26 -26.91 9.67
CA ARG B 532 -13.06 -28.26 9.15
C ARG B 532 -13.14 -28.29 7.62
N LYS B 533 -14.14 -27.62 7.05
CA LYS B 533 -14.31 -27.64 5.60
C LYS B 533 -13.13 -26.98 4.90
N TYR B 534 -12.68 -25.84 5.42
CA TYR B 534 -11.55 -25.15 4.81
C TYR B 534 -10.26 -25.95 5.00
N LEU B 535 -10.11 -26.62 6.15
CA LEU B 535 -8.96 -27.49 6.35
C LEU B 535 -8.95 -28.63 5.34
N LEU B 536 -10.11 -29.24 5.10
CA LEU B 536 -10.19 -30.32 4.13
C LEU B 536 -9.88 -29.81 2.72
N LYS B 537 -10.39 -28.63 2.38
CA LYS B 537 -10.11 -28.05 1.06
C LYS B 537 -8.62 -27.77 0.90
N ALA B 538 -7.99 -27.19 1.92
CA ALA B 538 -6.56 -26.91 1.85
C ALA B 538 -5.75 -28.19 1.75
N LEU B 539 -6.14 -29.22 2.51
CA LEU B 539 -5.44 -30.51 2.44
C LEU B 539 -5.57 -31.13 1.05
N PHE B 540 -6.78 -31.05 0.47
CA PHE B 540 -6.98 -31.57 -0.89
C PHE B 540 -6.10 -30.83 -1.89
N LYS B 541 -6.05 -29.51 -1.80
CA LYS B 541 -5.23 -28.73 -2.72
C LYS B 541 -3.75 -29.05 -2.55
N ALA B 542 -3.29 -29.17 -1.30
CA ALA B 542 -1.88 -29.49 -1.05
C ALA B 542 -1.52 -30.86 -1.57
N LEU B 543 -2.39 -31.85 -1.35
CA LEU B 543 -2.12 -33.19 -1.85
C LEU B 543 -2.12 -33.22 -3.38
N LYS B 544 -3.03 -32.47 -4.00
CA LYS B 544 -3.04 -32.41 -5.46
C LYS B 544 -1.76 -31.78 -6.01
N ARG B 545 -1.30 -30.70 -5.37
CA ARG B 545 -0.09 -30.04 -5.85
C ARG B 545 1.18 -30.81 -5.51
N LEU B 546 1.13 -31.73 -4.56
CA LEU B 546 2.29 -32.53 -4.18
C LEU B 546 2.35 -33.86 -4.93
N LYS B 547 1.39 -34.12 -5.82
CA LYS B 547 1.34 -35.37 -6.59
C LYS B 547 1.29 -36.58 -5.66
N SER B 548 0.57 -36.44 -4.55
CA SER B 548 0.40 -37.54 -3.59
C SER B 548 -1.07 -37.76 -3.25
N LEU B 549 -1.98 -37.36 -4.14
CA LEU B 549 -3.42 -37.53 -3.94
C LEU B 549 -3.87 -38.74 -4.74
N ARG B 550 -4.09 -39.87 -4.05
CA ARG B 550 -4.54 -41.09 -4.70
C ARG B 550 -5.94 -41.50 -4.26
N ASP B 551 -6.15 -41.71 -2.96
CA ASP B 551 -7.46 -42.11 -2.47
C ASP B 551 -7.80 -41.49 -1.12
N GLN B 552 -7.15 -40.37 -0.76
CA GLN B 552 -7.40 -39.76 0.54
C GLN B 552 -8.84 -39.29 0.66
N PHE B 553 -9.38 -38.71 -0.40
CA PHE B 553 -10.77 -38.26 -0.43
C PHE B 553 -11.57 -39.15 -1.37
N SER B 554 -12.64 -39.74 -0.86
CA SER B 554 -13.45 -40.67 -1.64
C SER B 554 -14.53 -39.91 -2.40
N PHE B 555 -14.60 -40.13 -3.71
CA PHE B 555 -15.58 -39.47 -4.55
C PHE B 555 -16.61 -40.47 -5.09
#